data_6KJG
#
_entry.id   6KJG
#
_cell.length_a   189.238
_cell.length_b   44.102
_cell.length_c   142.616
_cell.angle_alpha   90.00
_cell.angle_beta   93.59
_cell.angle_gamma   90.00
#
_symmetry.space_group_name_H-M   'C 1 2 1'
#
loop_
_entity.id
_entity.type
_entity.pdbx_description
1 polymer 'Dual-functional monooxygenase/methyltransferase psoF'
2 water water
#
_entity_poly.entity_id   1
_entity_poly.type   'polypeptide(L)'
_entity_poly.pdbx_seq_one_letter_code
;MLDGAEASNGVSKQTVGGVHVTPEMLESVQIPLEADKVGMTPAEKSKLVNAATAVYIDMAVEEMRSRGLAPKADYRVHWW
KVMQDFVDSGEGQRVLQETSLTNQELERVIAKLGIEGEVIARMGPEIVNILTGKTHALAHIMRDDLLFRVYLSDEGRRAN
RYMAEYARLLTSQRRDIRILEIGAGTGGTTSEVLNLCSPNGESFCAEYMYTDLSPGFFNAAKTTLKKWESHLAFQVLNIE
DDPAGQGFKEHTYDLIIAANVIHATARLTNTLSNVHKLLKPGGVFGLVELTRLTPFYNLTFGSLSGWWAGVDEGRTESPL
QSPQQWNSLLKQTGFSGVDLAAYDLPGPERHSCLLLSTALSNSVTTNGHGHHHHHHHH
;
_entity_poly.pdbx_strand_id   A,B,C
#
# COMPACT_ATOMS: atom_id res chain seq x y z
N SER A 12 -17.37 -15.96 24.66
CA SER A 12 -18.73 -16.39 24.34
C SER A 12 -18.91 -17.89 24.54
N LYS A 13 -19.56 -18.50 23.56
CA LYS A 13 -19.56 -19.94 23.40
C LYS A 13 -18.76 -20.12 22.11
N GLN A 14 -17.88 -19.16 21.88
CA GLN A 14 -17.05 -19.08 20.69
C GLN A 14 -16.26 -20.36 20.45
N THR A 15 -16.31 -20.86 19.22
CA THR A 15 -15.50 -22.00 18.84
C THR A 15 -14.50 -21.64 17.73
N VAL A 16 -13.39 -22.37 17.74
CA VAL A 16 -12.38 -22.30 16.68
C VAL A 16 -11.99 -23.74 16.41
N GLY A 17 -12.12 -24.17 15.16
CA GLY A 17 -11.84 -25.57 14.84
C GLY A 17 -12.83 -26.49 15.55
N GLY A 18 -14.03 -25.97 15.83
CA GLY A 18 -15.08 -26.79 16.40
C GLY A 18 -15.05 -26.92 17.92
N VAL A 19 -14.00 -26.42 18.56
CA VAL A 19 -13.94 -26.49 20.03
C VAL A 19 -14.06 -25.10 20.64
N HIS A 20 -14.67 -25.03 21.83
CA HIS A 20 -14.90 -23.77 22.52
C HIS A 20 -13.62 -23.17 23.07
N VAL A 21 -13.33 -21.92 22.71
CA VAL A 21 -12.14 -21.23 23.22
C VAL A 21 -12.40 -19.73 23.22
N THR A 22 -11.88 -19.03 24.22
CA THR A 22 -12.02 -17.58 24.32
C THR A 22 -10.66 -16.96 24.65
N PRO A 23 -10.47 -15.69 24.32
CA PRO A 23 -9.21 -15.06 24.74
C PRO A 23 -9.01 -15.13 26.26
N GLU A 24 -10.09 -14.88 27.01
CA GLU A 24 -10.03 -14.87 28.48
C GLU A 24 -9.64 -16.23 29.02
N MET A 25 -10.10 -17.28 28.34
CA MET A 25 -9.73 -18.64 28.69
C MET A 25 -8.23 -18.85 28.69
N LEU A 26 -7.57 -18.42 27.62
CA LEU A 26 -6.13 -18.64 27.47
C LEU A 26 -5.35 -17.65 28.28
N GLU A 27 -5.74 -16.38 28.17
CA GLU A 27 -4.98 -15.29 28.79
C GLU A 27 -4.98 -15.37 30.32
N SER A 28 -5.95 -16.07 30.87
CA SER A 28 -6.10 -16.16 32.33
C SER A 28 -5.13 -17.15 32.95
N VAL A 29 -4.70 -18.11 32.14
CA VAL A 29 -3.83 -19.18 32.60
C VAL A 29 -2.58 -18.61 33.27
N GLN A 30 -2.24 -19.18 34.42
CA GLN A 30 -1.05 -18.77 35.16
C GLN A 30 -0.03 -19.88 35.05
N ILE A 31 1.18 -19.53 34.65
CA ILE A 31 2.23 -20.54 34.52
C ILE A 31 3.45 -20.09 35.29
N PRO A 32 4.28 -21.05 35.71
CA PRO A 32 5.51 -20.65 36.41
C PRO A 32 6.44 -19.88 35.49
N LEU A 33 7.01 -18.80 35.99
CA LEU A 33 8.01 -18.04 35.24
C LEU A 33 9.26 -17.89 36.09
N GLU A 34 10.41 -17.74 35.44
CA GLU A 34 11.64 -17.47 36.16
C GLU A 34 11.45 -16.21 37.00
N ALA A 35 10.65 -15.29 36.49
CA ALA A 35 10.31 -14.05 37.20
C ALA A 35 9.75 -14.28 38.61
N ASP A 36 9.12 -15.43 38.82
CA ASP A 36 8.51 -15.75 40.10
C ASP A 36 9.59 -15.81 41.17
N LYS A 37 10.68 -16.48 40.85
CA LYS A 37 11.74 -16.76 41.81
C LYS A 37 12.43 -15.49 42.28
N VAL A 38 12.16 -14.39 41.60
CA VAL A 38 12.74 -13.10 41.93
C VAL A 38 11.63 -12.17 42.43
N GLY A 39 10.40 -12.69 42.48
CA GLY A 39 9.27 -11.94 42.98
C GLY A 39 8.88 -10.76 42.09
N MET A 40 9.05 -10.95 40.79
CA MET A 40 8.62 -9.94 39.82
C MET A 40 7.34 -10.38 39.12
N THR A 41 6.50 -9.41 38.78
CA THR A 41 5.36 -9.67 37.89
C THR A 41 5.91 -9.71 36.48
N PRO A 42 5.25 -10.49 35.59
CA PRO A 42 5.79 -10.61 34.23
C PRO A 42 5.96 -9.26 33.56
N ALA A 43 4.98 -8.37 33.74
CA ALA A 43 5.08 -7.03 33.19
C ALA A 43 6.25 -6.28 33.79
N GLU A 44 6.45 -6.46 35.09
CA GLU A 44 7.58 -5.84 35.77
C GLU A 44 8.90 -6.32 35.17
N LYS A 45 9.07 -7.65 35.09
CA LYS A 45 10.29 -8.22 34.52
C LYS A 45 10.52 -7.77 33.08
N SER A 46 9.48 -7.90 32.25
CA SER A 46 9.57 -7.50 30.85
C SER A 46 10.01 -6.03 30.76
N LYS A 47 9.46 -5.20 31.65
CA LYS A 47 9.86 -3.80 31.75
C LYS A 47 11.37 -3.70 31.96
N LEU A 48 11.83 -4.40 32.99
CA LEU A 48 13.22 -4.36 33.41
C LEU A 48 14.13 -4.93 32.34
N VAL A 49 13.70 -6.04 31.73
CA VAL A 49 14.45 -6.66 30.65
C VAL A 49 14.73 -5.65 29.56
N ASN A 50 13.72 -4.88 29.19
CA ASN A 50 13.89 -3.93 28.11
C ASN A 50 14.59 -2.66 28.58
N ALA A 51 14.55 -2.39 29.88
CA ALA A 51 15.29 -1.27 30.43
C ALA A 51 16.78 -1.62 30.50
N ALA A 52 17.09 -2.82 30.98
CA ALA A 52 18.47 -3.30 30.97
C ALA A 52 18.99 -3.35 29.53
N THR A 53 18.12 -3.72 28.59
CA THR A 53 18.53 -3.77 27.19
C THR A 53 18.81 -2.37 26.68
N ALA A 54 17.94 -1.43 27.04
CA ALA A 54 18.07 -0.06 26.57
C ALA A 54 19.41 0.56 26.95
N VAL A 55 19.92 0.19 28.12
CA VAL A 55 21.21 0.68 28.58
C VAL A 55 22.30 0.29 27.58
N TYR A 56 22.31 -0.99 27.22
CA TYR A 56 23.31 -1.50 26.29
C TYR A 56 23.14 -0.93 24.90
N ILE A 57 21.89 -0.74 24.48
CA ILE A 57 21.64 -0.10 23.21
C ILE A 57 22.21 1.30 23.24
N ASP A 58 21.88 2.03 24.30
CA ASP A 58 22.32 3.41 24.38
C ASP A 58 23.84 3.48 24.39
N MET A 59 24.45 2.57 25.14
CA MET A 59 25.90 2.52 25.21
C MET A 59 26.50 2.25 23.84
N ALA A 60 25.91 1.32 23.09
CA ALA A 60 26.46 0.97 21.79
C ALA A 60 26.31 2.14 20.81
N VAL A 61 25.14 2.78 20.82
CA VAL A 61 24.93 3.93 19.94
C VAL A 61 25.93 5.03 20.23
N GLU A 62 26.09 5.37 21.50
CA GLU A 62 27.06 6.40 21.87
C GLU A 62 28.49 5.97 21.53
N GLU A 63 28.81 4.70 21.77
CA GLU A 63 30.15 4.23 21.43
C GLU A 63 30.42 4.28 19.94
N MET A 64 29.46 3.81 19.12
CA MET A 64 29.63 3.86 17.66
C MET A 64 29.86 5.31 17.23
N ARG A 65 29.08 6.20 17.80
CA ARG A 65 29.18 7.61 17.43
C ARG A 65 30.49 8.23 17.91
N SER A 66 30.86 7.96 19.17
CA SER A 66 32.09 8.52 19.73
C SER A 66 33.35 8.08 18.98
N ARG A 67 33.35 6.84 18.49
CA ARG A 67 34.55 6.27 17.90
C ARG A 67 34.56 6.47 16.39
N GLY A 68 33.48 7.06 15.88
CA GLY A 68 33.34 7.31 14.45
C GLY A 68 33.23 6.04 13.65
N LEU A 69 32.61 5.02 14.25
CA LEU A 69 32.47 3.73 13.60
C LEU A 69 31.18 3.66 12.77
N ALA A 70 31.22 2.89 11.69
CA ALA A 70 30.01 2.58 10.95
C ALA A 70 29.88 1.08 10.88
N PRO A 71 28.63 0.57 10.80
CA PRO A 71 28.44 -0.87 10.68
C PRO A 71 28.90 -1.38 9.34
N LYS A 72 29.16 -2.68 9.25
CA LYS A 72 29.35 -3.33 7.96
C LYS A 72 28.11 -3.03 7.10
N ALA A 73 28.32 -2.87 5.80
CA ALA A 73 27.22 -2.45 4.91
C ALA A 73 26.37 -3.63 4.47
N ASP A 74 25.65 -4.21 5.41
CA ASP A 74 24.69 -5.25 5.07
C ASP A 74 23.48 -5.04 5.95
N TYR A 75 22.73 -6.11 6.21
CA TYR A 75 21.48 -5.99 6.97
C TYR A 75 21.72 -5.38 8.34
N ARG A 76 22.96 -5.45 8.82
CA ARG A 76 23.25 -4.93 10.15
C ARG A 76 23.02 -3.45 10.27
N VAL A 77 23.11 -2.73 9.15
CA VAL A 77 22.79 -1.31 9.14
C VAL A 77 21.33 -1.09 9.57
N HIS A 78 20.44 -1.99 9.16
CA HIS A 78 19.04 -1.90 9.59
C HIS A 78 18.93 -2.04 11.12
N TRP A 79 19.73 -2.94 11.67
CA TRP A 79 19.80 -3.11 13.12
C TRP A 79 20.28 -1.83 13.80
N TRP A 80 21.37 -1.29 13.28
CA TRP A 80 21.91 -0.01 13.73
C TRP A 80 20.89 1.14 13.67
N LYS A 81 20.15 1.20 12.59
CA LYS A 81 19.14 2.25 12.43
C LYS A 81 18.07 2.17 13.51
N VAL A 82 17.60 0.97 13.79
CA VAL A 82 16.57 0.82 14.80
C VAL A 82 17.12 1.28 16.14
N MET A 83 18.35 0.88 16.44
CA MET A 83 19.00 1.27 17.67
C MET A 83 19.15 2.77 17.74
N GLN A 84 19.57 3.35 16.62
CA GLN A 84 19.75 4.80 16.57
C GLN A 84 18.42 5.50 16.84
N ASP A 85 17.37 5.04 16.16
CA ASP A 85 16.04 5.65 16.35
C ASP A 85 15.56 5.49 17.77
N PHE A 86 15.91 4.35 18.36
CA PHE A 86 15.44 4.08 19.71
C PHE A 86 16.02 5.09 20.68
N VAL A 87 17.26 5.48 20.45
CA VAL A 87 17.93 6.46 21.31
C VAL A 87 17.51 7.88 20.94
N ASP A 88 17.57 8.22 19.65
CA ASP A 88 17.28 9.58 19.18
C ASP A 88 15.83 10.02 19.32
N SER A 89 14.93 9.08 19.53
CA SER A 89 13.52 9.40 19.64
C SER A 89 13.18 9.68 21.10
N GLY A 90 14.17 9.48 21.96
CA GLY A 90 13.99 9.71 23.38
C GLY A 90 13.29 8.55 24.02
N GLU A 91 12.98 7.54 23.21
CA GLU A 91 12.38 6.31 23.72
C GLU A 91 13.32 5.68 24.71
N GLY A 92 14.62 5.79 24.44
CA GLY A 92 15.64 5.31 25.36
C GLY A 92 15.46 5.92 26.72
N GLN A 93 15.48 7.25 26.78
CA GLN A 93 15.32 7.99 28.04
C GLN A 93 14.05 7.57 28.79
N ARG A 94 12.94 7.46 28.07
CA ARG A 94 11.67 7.08 28.66
C ARG A 94 11.74 5.72 29.32
N VAL A 95 12.32 4.75 28.62
CA VAL A 95 12.45 3.41 29.16
C VAL A 95 13.40 3.41 30.36
N LEU A 96 14.45 4.24 30.29
CA LEU A 96 15.44 4.31 31.35
C LEU A 96 14.90 4.92 32.65
N GLN A 97 14.03 5.91 32.52
CA GLN A 97 13.57 6.67 33.68
C GLN A 97 12.56 5.92 34.56
N GLU A 98 12.19 4.71 34.14
CA GLU A 98 11.32 3.87 34.98
C GLU A 98 12.07 2.66 35.52
N THR A 102 19.15 4.80 38.23
CA THR A 102 18.68 3.42 37.99
C THR A 102 19.80 2.43 37.54
N ASN A 103 21.04 2.89 37.40
CA ASN A 103 21.97 2.25 36.46
C ASN A 103 23.36 1.69 36.94
N GLN A 104 23.46 1.07 38.13
CA GLN A 104 24.45 0.01 38.33
C GLN A 104 23.96 -0.88 39.47
N GLU A 105 22.62 -0.93 39.65
CA GLU A 105 21.99 -2.19 40.05
C GLU A 105 21.84 -2.99 38.76
N LEU A 106 22.24 -2.36 37.65
CA LEU A 106 22.17 -2.94 36.30
C LEU A 106 22.66 -4.39 36.27
N GLU A 107 23.89 -4.62 36.73
CA GLU A 107 24.41 -5.98 36.74
C GLU A 107 23.68 -6.84 37.77
N ARG A 108 23.16 -6.21 38.82
CA ARG A 108 22.46 -6.95 39.84
C ARG A 108 21.04 -7.24 39.35
N VAL A 109 20.45 -6.29 38.64
CA VAL A 109 19.18 -6.54 37.96
C VAL A 109 19.34 -7.68 36.97
N ILE A 110 20.34 -7.58 36.09
CA ILE A 110 20.57 -8.56 35.05
C ILE A 110 20.74 -9.97 35.63
N ALA A 111 21.38 -10.05 36.79
CA ALA A 111 21.61 -11.33 37.44
C ALA A 111 20.29 -12.00 37.83
N LYS A 112 19.27 -11.19 38.03
CA LYS A 112 17.96 -11.70 38.43
C LYS A 112 16.99 -11.84 37.25
N LEU A 113 17.43 -11.46 36.05
CA LEU A 113 16.54 -11.51 34.88
C LEU A 113 16.59 -12.83 34.12
N GLY A 114 17.17 -13.87 34.73
CA GLY A 114 17.25 -15.19 34.15
C GLY A 114 17.81 -15.25 32.72
N ILE A 115 17.19 -16.05 31.88
CA ILE A 115 17.61 -16.25 30.48
C ILE A 115 17.72 -14.93 29.71
N GLU A 116 16.76 -14.03 29.91
CA GLU A 116 16.81 -12.72 29.27
C GLU A 116 18.03 -11.96 29.75
N GLY A 117 18.35 -12.08 31.04
CA GLY A 117 19.52 -11.43 31.59
C GLY A 117 20.77 -12.01 30.97
N GLU A 118 20.73 -13.31 30.70
CA GLU A 118 21.85 -13.99 30.07
C GLU A 118 22.08 -13.52 28.64
N VAL A 119 20.97 -13.33 27.92
CA VAL A 119 21.04 -12.84 26.56
C VAL A 119 21.58 -11.45 26.55
N ILE A 120 21.05 -10.63 27.46
CA ILE A 120 21.49 -9.27 27.56
C ILE A 120 22.96 -9.23 27.92
N ALA A 121 23.37 -10.07 28.86
CA ALA A 121 24.76 -10.11 29.29
C ALA A 121 25.64 -10.55 28.14
N ARG A 122 25.14 -11.49 27.33
CA ARG A 122 25.95 -11.96 26.23
C ARG A 122 25.97 -11.02 25.03
N MET A 123 24.79 -10.57 24.61
CA MET A 123 24.69 -9.81 23.36
C MET A 123 24.95 -8.33 23.55
N GLY A 124 24.48 -7.77 24.66
CA GLY A 124 24.61 -6.34 24.91
C GLY A 124 26.01 -5.78 24.77
N PRO A 125 26.99 -6.44 25.42
CA PRO A 125 28.38 -5.97 25.28
C PRO A 125 28.97 -6.22 23.90
N GLU A 126 28.30 -6.99 23.04
CA GLU A 126 28.84 -7.35 21.73
C GLU A 126 28.21 -6.57 20.57
N ILE A 127 27.34 -5.61 20.87
CA ILE A 127 26.65 -4.89 19.81
C ILE A 127 27.62 -4.25 18.85
N VAL A 128 28.57 -3.50 19.38
CA VAL A 128 29.53 -2.83 18.52
C VAL A 128 30.33 -3.84 17.71
N ASN A 129 30.73 -4.94 18.34
CA ASN A 129 31.50 -5.97 17.65
C ASN A 129 30.72 -6.61 16.52
N ILE A 130 29.44 -6.83 16.77
CA ILE A 130 28.61 -7.40 15.72
C ILE A 130 28.46 -6.37 14.59
N LEU A 131 28.13 -5.13 14.95
CA LEU A 131 27.97 -4.10 13.92
C LEU A 131 29.20 -3.99 13.03
N THR A 132 30.38 -4.04 13.66
CA THR A 132 31.61 -3.77 12.97
C THR A 132 32.25 -5.03 12.41
N GLY A 133 31.59 -6.18 12.57
CA GLY A 133 32.09 -7.40 11.98
C GLY A 133 33.19 -8.14 12.76
N LYS A 134 33.35 -7.83 14.05
CA LYS A 134 34.32 -8.57 14.87
C LYS A 134 33.70 -9.78 15.55
N THR A 135 32.37 -9.85 15.57
CA THR A 135 31.69 -10.97 16.18
C THR A 135 30.63 -11.51 15.24
N HIS A 136 30.63 -12.82 15.05
CA HIS A 136 29.60 -13.49 14.27
C HIS A 136 28.41 -13.65 15.21
N ALA A 137 27.35 -12.87 14.97
CA ALA A 137 26.21 -12.82 15.89
C ALA A 137 25.58 -14.18 16.10
N LEU A 138 25.37 -14.91 15.02
CA LEU A 138 24.70 -16.21 15.15
C LEU A 138 25.56 -17.19 15.96
N ALA A 139 26.83 -17.32 15.58
CA ALA A 139 27.78 -18.12 16.35
C ALA A 139 27.80 -17.70 17.82
N HIS A 140 27.80 -16.38 18.06
CA HIS A 140 27.89 -15.87 19.43
C HIS A 140 26.71 -16.25 20.29
N ILE A 141 25.51 -16.09 19.75
CA ILE A 141 24.33 -16.32 20.56
C ILE A 141 23.96 -17.81 20.61
N MET A 142 24.48 -18.60 19.68
CA MET A 142 24.20 -20.03 19.70
C MET A 142 25.08 -20.77 20.69
N ARG A 143 26.20 -20.16 21.06
CA ARG A 143 27.12 -20.75 22.04
C ARG A 143 26.33 -21.19 23.28
N ASP A 144 26.61 -22.40 23.79
CA ASP A 144 25.92 -22.91 24.98
C ASP A 144 24.41 -23.01 24.75
N ASP A 145 24.01 -23.17 23.48
CA ASP A 145 22.59 -23.24 23.10
C ASP A 145 21.76 -22.08 23.65
N LEU A 146 22.38 -20.92 23.84
CA LEU A 146 21.66 -19.78 24.42
C LEU A 146 20.51 -19.35 23.53
N LEU A 147 20.76 -19.31 22.22
CA LEU A 147 19.74 -18.91 21.26
C LEU A 147 18.52 -19.79 21.41
N PHE A 148 18.75 -21.10 21.52
CA PHE A 148 17.66 -22.05 21.64
C PHE A 148 16.93 -21.86 22.97
N ARG A 149 17.67 -21.49 24.00
CA ARG A 149 17.07 -21.31 25.32
C ARG A 149 16.25 -20.03 25.43
N VAL A 150 16.54 -19.05 24.58
CA VAL A 150 15.81 -17.79 24.63
C VAL A 150 14.36 -18.03 24.23
N TYR A 151 14.14 -19.09 23.46
CA TYR A 151 12.79 -19.46 23.04
C TYR A 151 11.99 -20.04 24.20
N LEU A 152 12.70 -20.49 25.22
CA LEU A 152 12.08 -21.07 26.41
C LEU A 152 11.91 -20.01 27.47
N SER A 153 12.37 -18.79 27.19
CA SER A 153 12.39 -17.76 28.22
C SER A 153 11.00 -17.23 28.56
N ASP A 154 10.90 -16.60 29.73
CA ASP A 154 9.65 -15.99 30.20
C ASP A 154 9.03 -15.06 29.16
N GLU A 155 9.88 -14.36 28.43
CA GLU A 155 9.41 -13.32 27.51
C GLU A 155 8.53 -13.89 26.39
N GLY A 156 8.64 -15.19 26.12
CA GLY A 156 7.83 -15.83 25.11
C GLY A 156 7.10 -17.10 25.51
N ARG A 157 7.07 -17.42 26.81
CA ARG A 157 6.52 -18.71 27.16
C ARG A 157 4.99 -18.67 27.27
N ARG A 158 4.41 -17.52 27.60
CA ARG A 158 2.95 -17.45 27.75
C ARG A 158 2.23 -17.67 26.43
N ALA A 159 2.72 -17.08 25.35
CA ALA A 159 2.07 -17.28 24.06
C ALA A 159 2.22 -18.74 23.60
N ASN A 160 3.36 -19.35 23.92
CA ASN A 160 3.58 -20.76 23.57
C ASN A 160 2.64 -21.65 24.36
N ARG A 161 2.39 -21.29 25.60
CA ARG A 161 1.45 -22.01 26.44
C ARG A 161 0.03 -21.81 25.91
N TYR A 162 -0.29 -20.62 25.40
CA TYR A 162 -1.61 -20.41 24.80
C TYR A 162 -1.80 -21.41 23.67
N MET A 163 -0.77 -21.58 22.86
CA MET A 163 -0.82 -22.49 21.72
C MET A 163 -1.01 -23.92 22.19
N ALA A 164 -0.24 -24.29 23.23
CA ALA A 164 -0.33 -25.61 23.83
C ALA A 164 -1.74 -25.85 24.33
N GLU A 165 -2.27 -24.89 25.09
CA GLU A 165 -3.62 -24.97 25.63
C GLU A 165 -4.63 -25.16 24.51
N TYR A 166 -4.48 -24.43 23.41
CA TYR A 166 -5.46 -24.59 22.34
C TYR A 166 -5.29 -25.94 21.68
N ALA A 167 -4.05 -26.40 21.53
CA ALA A 167 -3.84 -27.71 20.91
C ALA A 167 -4.42 -28.82 21.81
N ARG A 168 -4.34 -28.61 23.13
CA ARG A 168 -4.93 -29.53 24.10
C ARG A 168 -6.44 -29.54 23.96
N LEU A 169 -7.07 -28.37 23.99
CA LEU A 169 -8.52 -28.26 23.78
C LEU A 169 -8.94 -29.02 22.54
N LEU A 170 -8.26 -28.76 21.43
CA LEU A 170 -8.61 -29.36 20.16
C LEU A 170 -8.50 -30.89 20.19
N THR A 171 -7.31 -31.38 20.50
CA THR A 171 -7.00 -32.81 20.44
C THR A 171 -7.71 -33.65 21.52
N SER A 172 -8.08 -33.02 22.62
CA SER A 172 -8.77 -33.73 23.68
C SER A 172 -10.25 -33.89 23.30
N GLN A 173 -10.76 -32.92 22.54
CA GLN A 173 -12.16 -32.92 22.15
C GLN A 173 -12.41 -33.50 20.76
N ARG A 174 -11.35 -33.68 20.00
CA ARG A 174 -11.47 -34.24 18.66
C ARG A 174 -10.41 -35.30 18.46
N ARG A 175 -10.75 -36.34 17.72
CA ARG A 175 -9.86 -37.47 17.56
C ARG A 175 -9.20 -37.44 16.21
N ASP A 176 -8.00 -38.02 16.15
CA ASP A 176 -7.25 -38.14 14.91
C ASP A 176 -6.97 -36.79 14.25
N ILE A 177 -6.76 -35.76 15.08
CA ILE A 177 -6.33 -34.46 14.58
C ILE A 177 -4.97 -34.61 13.93
N ARG A 178 -4.80 -34.01 12.75
CA ARG A 178 -3.47 -33.97 12.14
C ARG A 178 -2.82 -32.59 12.36
N ILE A 179 -1.67 -32.61 13.03
CA ILE A 179 -0.94 -31.38 13.36
C ILE A 179 0.37 -31.28 12.61
N LEU A 180 0.65 -30.10 12.05
CA LEU A 180 1.98 -29.80 11.53
C LEU A 180 2.56 -28.55 12.22
N GLU A 181 3.83 -28.62 12.62
CA GLU A 181 4.50 -27.44 13.13
C GLU A 181 5.59 -26.94 12.17
N ILE A 182 5.49 -25.67 11.81
CA ILE A 182 6.45 -24.96 10.96
C ILE A 182 7.54 -24.36 11.82
N GLY A 183 8.79 -24.45 11.39
CA GLY A 183 9.91 -23.92 12.15
C GLY A 183 9.93 -24.38 13.58
N ALA A 184 9.67 -25.67 13.79
CA ALA A 184 9.66 -26.25 15.13
C ALA A 184 10.98 -26.02 15.86
N GLY A 185 12.08 -25.99 15.11
CA GLY A 185 13.39 -25.75 15.66
C GLY A 185 13.82 -26.82 16.63
N THR A 186 14.27 -26.41 17.82
CA THR A 186 14.67 -27.38 18.85
C THR A 186 13.47 -27.79 19.69
N GLY A 187 12.28 -27.32 19.31
CA GLY A 187 11.04 -27.82 19.86
C GLY A 187 10.56 -27.22 21.16
N GLY A 188 10.80 -25.92 21.35
CA GLY A 188 10.34 -25.23 22.53
C GLY A 188 8.82 -25.15 22.61
N THR A 189 8.20 -24.72 21.51
CA THR A 189 6.73 -24.72 21.45
C THR A 189 6.22 -26.16 21.49
N THR A 190 6.85 -27.00 20.68
CA THR A 190 6.55 -28.42 20.63
C THR A 190 6.54 -29.04 22.03
N SER A 191 7.53 -28.67 22.84
CA SER A 191 7.63 -29.21 24.18
C SER A 191 6.46 -28.76 25.07
N GLU A 192 6.13 -27.47 25.01
CA GLU A 192 4.97 -26.96 25.76
C GLU A 192 3.69 -27.68 25.34
N VAL A 193 3.58 -27.92 24.04
CA VAL A 193 2.41 -28.59 23.48
C VAL A 193 2.34 -30.04 23.96
N LEU A 194 3.43 -30.79 23.78
CA LEU A 194 3.44 -32.20 24.16
C LEU A 194 3.22 -32.41 25.66
N ASN A 195 3.93 -31.64 26.47
CA ASN A 195 3.76 -31.67 27.92
C ASN A 195 2.32 -31.45 28.35
N LEU A 196 1.59 -30.64 27.58
CA LEU A 196 0.18 -30.37 27.88
C LEU A 196 -0.77 -31.40 27.27
N CYS A 197 -0.52 -31.81 26.04
CA CYS A 197 -1.42 -32.72 25.33
C CYS A 197 -1.15 -34.19 25.62
N SER A 198 0.04 -34.48 26.10
CA SER A 198 0.48 -35.86 26.23
C SER A 198 1.48 -35.97 27.37
N PRO A 199 1.05 -35.64 28.60
CA PRO A 199 1.94 -35.43 29.75
C PRO A 199 2.78 -36.64 30.12
N ASN A 200 2.34 -37.83 29.74
CA ASN A 200 3.16 -39.03 29.81
C ASN A 200 2.92 -39.93 28.59
N GLY A 201 3.36 -39.46 27.42
CA GLY A 201 3.41 -40.29 26.23
C GLY A 201 2.07 -40.60 25.58
N GLU A 202 0.98 -40.18 26.25
CA GLU A 202 -0.37 -40.36 25.73
C GLU A 202 -0.40 -40.00 24.26
N SER A 203 -0.79 -40.94 23.39
CA SER A 203 -0.79 -40.65 21.96
C SER A 203 -2.12 -39.97 21.64
N PHE A 204 -2.04 -38.71 21.23
CA PHE A 204 -3.16 -37.77 21.31
C PHE A 204 -3.67 -37.24 19.97
N CYS A 205 -3.07 -37.64 18.87
CA CYS A 205 -3.47 -37.13 17.57
C CYS A 205 -3.10 -38.13 16.51
N ALA A 206 -3.62 -37.94 15.30
CA ALA A 206 -3.27 -38.85 14.21
C ALA A 206 -1.84 -38.66 13.77
N GLU A 207 -1.31 -37.47 14.04
CA GLU A 207 -0.02 -37.09 13.49
C GLU A 207 0.46 -35.76 14.02
N TYR A 208 1.69 -35.74 14.53
CA TYR A 208 2.37 -34.48 14.77
C TYR A 208 3.54 -34.40 13.81
N MET A 209 3.38 -33.62 12.76
CA MET A 209 4.45 -33.41 11.79
C MET A 209 5.36 -32.24 12.21
N TYR A 210 6.56 -32.61 12.64
CA TYR A 210 7.59 -31.70 13.12
C TYR A 210 8.46 -31.26 11.96
N THR A 211 8.40 -29.97 11.60
CA THR A 211 9.14 -29.50 10.44
C THR A 211 10.07 -28.34 10.76
N ASP A 212 11.12 -28.23 9.95
CA ASP A 212 11.96 -27.05 9.96
C ASP A 212 12.66 -26.88 8.63
N LEU A 213 13.27 -25.71 8.46
CA LEU A 213 13.99 -25.37 7.23
C LEU A 213 15.21 -26.25 7.04
N SER A 214 15.84 -26.61 8.15
CA SER A 214 17.03 -27.46 8.13
C SER A 214 16.82 -28.69 8.99
N PRO A 215 17.27 -29.86 8.50
CA PRO A 215 17.17 -31.14 9.22
C PRO A 215 18.12 -31.25 10.41
N GLY A 216 19.11 -30.37 10.48
CA GLY A 216 20.09 -30.40 11.55
C GLY A 216 19.52 -30.38 12.95
N PHE A 217 18.31 -29.83 13.10
CA PHE A 217 17.62 -29.80 14.38
C PHE A 217 17.13 -31.17 14.86
N PHE A 218 16.78 -32.04 13.91
CA PHE A 218 15.93 -33.20 14.23
C PHE A 218 16.52 -34.16 15.28
N ASN A 219 17.81 -34.48 15.15
CA ASN A 219 18.46 -35.38 16.11
C ASN A 219 18.34 -34.80 17.52
N ALA A 220 18.69 -33.54 17.67
CA ALA A 220 18.59 -32.87 18.97
C ALA A 220 17.14 -32.89 19.46
N ALA A 221 16.21 -32.70 18.53
CA ALA A 221 14.79 -32.66 18.83
C ALA A 221 14.32 -34.03 19.33
N LYS A 222 14.60 -35.07 18.55
CA LYS A 222 14.31 -36.44 18.97
C LYS A 222 14.83 -36.73 20.37
N THR A 223 16.02 -36.21 20.68
CA THR A 223 16.59 -36.44 22.00
C THR A 223 15.84 -35.66 23.09
N THR A 224 15.55 -34.39 22.84
CA THR A 224 14.85 -33.55 23.80
C THR A 224 13.40 -34.02 23.96
N LEU A 225 12.85 -34.59 22.90
CA LEU A 225 11.47 -35.02 22.91
C LEU A 225 11.33 -36.53 22.85
N LYS A 226 12.24 -37.25 23.50
CA LYS A 226 12.28 -38.71 23.32
C LYS A 226 11.01 -39.37 23.85
N LYS A 227 10.36 -38.74 24.82
CA LYS A 227 9.09 -39.22 25.34
C LYS A 227 8.05 -39.39 24.24
N TRP A 228 8.17 -38.64 23.16
CA TRP A 228 7.17 -38.64 22.09
C TRP A 228 7.76 -39.01 20.74
N GLU A 229 8.99 -39.52 20.74
CA GLU A 229 9.74 -39.99 19.57
C GLU A 229 8.92 -40.49 18.40
N SER A 230 8.05 -41.46 18.69
CA SER A 230 7.38 -42.24 17.65
C SER A 230 6.24 -41.48 16.98
N HIS A 231 5.51 -40.73 17.80
CA HIS A 231 4.31 -40.01 17.38
C HIS A 231 4.69 -38.76 16.60
N LEU A 232 5.89 -38.27 16.82
CA LEU A 232 6.42 -37.18 16.01
C LEU A 232 6.94 -37.75 14.72
N ALA A 233 6.58 -37.15 13.61
CA ALA A 233 7.28 -37.38 12.36
C ALA A 233 8.18 -36.18 12.12
N PHE A 234 9.27 -36.39 11.39
CA PHE A 234 10.23 -35.33 11.12
C PHE A 234 10.44 -35.19 9.63
N GLN A 235 10.22 -33.99 9.11
CA GLN A 235 10.40 -33.74 7.70
C GLN A 235 10.75 -32.28 7.50
N VAL A 236 11.61 -32.01 6.53
CA VAL A 236 12.01 -30.65 6.23
C VAL A 236 10.86 -29.90 5.55
N LEU A 237 10.64 -28.67 5.98
CA LEU A 237 9.68 -27.83 5.30
C LEU A 237 10.19 -26.41 5.32
N ASN A 238 10.42 -25.93 4.11
CA ASN A 238 10.63 -24.53 3.85
C ASN A 238 9.30 -23.91 3.45
N ILE A 239 8.69 -23.18 4.37
CA ILE A 239 7.35 -22.66 4.15
C ILE A 239 7.31 -21.60 3.04
N GLU A 240 8.45 -21.03 2.67
CA GLU A 240 8.46 -20.06 1.59
C GLU A 240 8.32 -20.70 0.21
N ASP A 241 8.49 -22.02 0.15
CA ASP A 241 8.33 -22.74 -1.11
C ASP A 241 7.08 -23.60 -1.06
N ASP A 242 6.62 -24.06 -2.22
CA ASP A 242 5.45 -24.94 -2.27
C ASP A 242 5.61 -26.20 -1.45
N PRO A 243 4.68 -26.43 -0.50
CA PRO A 243 4.74 -27.57 0.40
C PRO A 243 4.59 -28.93 -0.31
N ALA A 244 3.88 -28.94 -1.43
CA ALA A 244 3.65 -30.19 -2.15
C ALA A 244 4.98 -30.75 -2.63
N GLY A 245 5.77 -29.92 -3.31
CA GLY A 245 7.09 -30.29 -3.81
C GLY A 245 8.05 -30.81 -2.74
N GLN A 246 7.72 -30.61 -1.47
CA GLN A 246 8.57 -31.03 -0.36
C GLN A 246 7.96 -32.26 0.32
N GLY A 247 7.02 -32.89 -0.36
CA GLY A 247 6.48 -34.16 0.08
C GLY A 247 5.38 -34.09 1.13
N PHE A 248 4.67 -32.97 1.18
CA PHE A 248 3.53 -32.88 2.10
C PHE A 248 2.22 -33.03 1.34
N LYS A 249 1.26 -33.70 1.95
CA LYS A 249 -0.05 -33.84 1.32
C LYS A 249 -0.89 -32.62 1.62
N GLU A 250 -1.18 -31.86 0.59
CA GLU A 250 -1.99 -30.66 0.71
C GLU A 250 -3.30 -30.92 1.41
N HIS A 251 -3.79 -29.87 2.09
CA HIS A 251 -5.13 -29.86 2.63
C HIS A 251 -5.46 -31.07 3.48
N THR A 252 -4.46 -31.55 4.20
CA THR A 252 -4.65 -32.73 5.02
C THR A 252 -4.57 -32.42 6.49
N TYR A 253 -4.09 -31.22 6.83
CA TYR A 253 -3.89 -30.89 8.22
C TYR A 253 -5.07 -30.15 8.84
N ASP A 254 -5.35 -30.46 10.10
CA ASP A 254 -6.38 -29.79 10.89
C ASP A 254 -5.83 -28.64 11.69
N LEU A 255 -4.55 -28.72 12.04
CA LEU A 255 -3.92 -27.67 12.82
C LEU A 255 -2.50 -27.43 12.37
N ILE A 256 -2.19 -26.18 12.09
CA ILE A 256 -0.80 -25.83 11.80
C ILE A 256 -0.32 -24.89 12.88
N ILE A 257 0.84 -25.21 13.43
CA ILE A 257 1.43 -24.40 14.47
C ILE A 257 2.63 -23.70 13.89
N ALA A 258 2.71 -22.40 14.05
CA ALA A 258 3.85 -21.66 13.55
C ALA A 258 4.20 -20.60 14.56
N ALA A 259 5.21 -20.87 15.37
CA ALA A 259 5.57 -19.98 16.46
C ALA A 259 6.81 -19.17 16.09
N ASN A 260 6.62 -17.88 15.97
CA ASN A 260 7.66 -16.94 15.58
C ASN A 260 8.56 -17.41 14.45
N VAL A 261 7.92 -17.78 13.36
CA VAL A 261 8.66 -18.23 12.20
C VAL A 261 8.10 -17.54 10.97
N ILE A 262 6.79 -17.31 10.93
CA ILE A 262 6.18 -16.77 9.72
C ILE A 262 6.75 -15.39 9.36
N HIS A 263 7.03 -14.55 10.36
CA HIS A 263 7.60 -13.24 10.07
C HIS A 263 8.99 -13.33 9.45
N ALA A 264 9.71 -14.41 9.70
CA ALA A 264 11.09 -14.55 9.22
C ALA A 264 11.12 -15.02 7.76
N THR A 265 10.15 -14.60 6.99
CA THR A 265 10.11 -14.97 5.60
C THR A 265 10.05 -13.70 4.76
N ALA A 266 10.32 -13.82 3.47
CA ALA A 266 10.48 -12.66 2.61
C ALA A 266 9.16 -11.99 2.25
N ARG A 267 8.16 -12.79 1.94
CA ARG A 267 6.89 -12.22 1.48
C ARG A 267 5.75 -12.91 2.19
N LEU A 268 5.16 -12.19 3.12
CA LEU A 268 4.16 -12.79 4.01
C LEU A 268 2.97 -13.39 3.28
N THR A 269 2.46 -12.73 2.23
CA THR A 269 1.31 -13.33 1.55
C THR A 269 1.70 -14.63 0.85
N ASN A 270 2.94 -14.71 0.36
CA ASN A 270 3.41 -15.97 -0.24
C ASN A 270 3.53 -17.07 0.81
N THR A 271 4.15 -16.73 1.94
CA THR A 271 4.28 -17.65 3.06
C THR A 271 2.90 -18.14 3.52
N LEU A 272 1.99 -17.20 3.73
CA LEU A 272 0.67 -17.57 4.26
C LEU A 272 -0.09 -18.42 3.25
N SER A 273 0.06 -18.10 1.97
CA SER A 273 -0.57 -18.88 0.91
C SER A 273 -0.12 -20.31 1.01
N ASN A 274 1.16 -20.51 1.32
CA ASN A 274 1.68 -21.86 1.46
C ASN A 274 1.17 -22.55 2.68
N VAL A 275 0.93 -21.79 3.74
CA VAL A 275 0.34 -22.37 4.93
C VAL A 275 -1.04 -22.86 4.56
N HIS A 276 -1.75 -22.05 3.77
CA HIS A 276 -3.11 -22.37 3.38
C HIS A 276 -3.16 -23.70 2.61
N LYS A 277 -2.20 -23.90 1.72
CA LYS A 277 -2.13 -25.13 0.93
C LYS A 277 -2.10 -26.40 1.76
N LEU A 278 -1.62 -26.31 2.99
CA LEU A 278 -1.45 -27.49 3.83
C LEU A 278 -2.70 -27.82 4.63
N LEU A 279 -3.53 -26.80 4.86
CA LEU A 279 -4.66 -26.94 5.73
C LEU A 279 -5.89 -27.40 4.97
N LYS A 280 -6.66 -28.28 5.60
CA LYS A 280 -7.93 -28.61 5.00
C LYS A 280 -8.88 -27.44 5.29
N PRO A 281 -9.87 -27.24 4.42
CA PRO A 281 -10.91 -26.26 4.71
C PRO A 281 -11.46 -26.46 6.12
N GLY A 282 -11.53 -25.38 6.89
CA GLY A 282 -11.91 -25.50 8.29
C GLY A 282 -10.77 -25.79 9.25
N GLY A 283 -9.60 -26.14 8.74
CA GLY A 283 -8.44 -26.35 9.60
C GLY A 283 -7.98 -25.05 10.27
N VAL A 284 -7.28 -25.19 11.39
CA VAL A 284 -6.91 -24.02 12.18
C VAL A 284 -5.42 -23.72 12.02
N PHE A 285 -5.11 -22.43 11.86
CA PHE A 285 -3.74 -21.96 11.80
C PHE A 285 -3.47 -21.31 13.15
N GLY A 286 -2.52 -21.88 13.90
CA GLY A 286 -2.08 -21.32 15.15
C GLY A 286 -0.81 -20.53 14.92
N LEU A 287 -0.96 -19.20 14.96
CA LEU A 287 0.12 -18.29 14.65
C LEU A 287 0.56 -17.61 15.93
N VAL A 288 1.74 -17.99 16.41
CA VAL A 288 2.33 -17.36 17.58
C VAL A 288 3.35 -16.33 17.11
N GLU A 289 3.12 -15.07 17.48
CA GLU A 289 3.92 -13.99 16.92
C GLU A 289 4.09 -12.89 17.95
N LEU A 290 5.19 -12.17 17.83
CA LEU A 290 5.38 -10.93 18.57
C LEU A 290 4.38 -9.90 18.07
N THR A 291 3.83 -9.09 18.98
CA THR A 291 2.85 -8.10 18.55
C THR A 291 3.53 -6.79 18.17
N ARG A 292 4.73 -6.59 18.68
CA ARG A 292 5.43 -5.33 18.48
C ARG A 292 6.90 -5.46 18.81
N LEU A 293 7.68 -4.57 18.22
CA LEU A 293 9.11 -4.55 18.48
C LEU A 293 9.40 -4.03 19.88
N THR A 294 10.22 -4.75 20.63
CA THR A 294 10.69 -4.23 21.90
C THR A 294 12.20 -4.16 21.84
N PRO A 295 12.84 -3.35 22.71
CA PRO A 295 14.30 -3.29 22.63
C PRO A 295 14.93 -4.67 22.81
N PHE A 296 14.40 -5.49 23.70
CA PHE A 296 14.96 -6.82 23.91
C PHE A 296 14.95 -7.68 22.65
N TYR A 297 13.83 -7.66 21.93
CA TYR A 297 13.77 -8.43 20.69
C TYR A 297 14.70 -7.86 19.63
N ASN A 298 14.81 -6.53 19.54
CA ASN A 298 15.76 -5.98 18.56
C ASN A 298 17.20 -6.39 18.91
N LEU A 299 17.54 -6.33 20.19
CA LEU A 299 18.87 -6.79 20.64
C LEU A 299 19.15 -8.24 20.27
N THR A 300 18.20 -9.09 20.60
CA THR A 300 18.38 -10.53 20.55
C THR A 300 18.33 -11.09 19.14
N PHE A 301 17.38 -10.60 18.33
CA PHE A 301 17.20 -11.19 17.02
C PHE A 301 17.62 -10.25 15.90
N GLY A 302 17.69 -8.96 16.19
CA GLY A 302 18.03 -8.00 15.13
C GLY A 302 19.42 -8.17 14.55
N SER A 303 20.32 -8.80 15.28
CA SER A 303 21.68 -9.05 14.77
C SER A 303 21.73 -10.19 13.75
N LEU A 304 20.60 -10.88 13.57
CA LEU A 304 20.53 -12.07 12.72
C LEU A 304 19.86 -11.76 11.40
N SER A 305 20.41 -12.28 10.31
CA SER A 305 19.97 -11.88 8.97
C SER A 305 18.48 -12.11 8.77
N GLY A 306 17.93 -13.20 9.32
CA GLY A 306 16.53 -13.55 9.13
C GLY A 306 15.50 -12.55 9.63
N TRP A 307 15.90 -11.72 10.58
CA TRP A 307 15.05 -10.64 11.09
C TRP A 307 14.73 -9.62 10.01
N TRP A 308 15.58 -9.56 8.99
CA TRP A 308 15.47 -8.51 7.96
C TRP A 308 15.00 -9.11 6.65
N ALA A 309 14.40 -10.29 6.74
CA ALA A 309 13.89 -10.97 5.54
C ALA A 309 12.79 -10.19 4.84
N GLY A 310 12.08 -9.33 5.55
CA GLY A 310 10.90 -8.67 4.97
C GLY A 310 11.18 -7.27 4.44
N VAL A 311 12.47 -6.90 4.44
CA VAL A 311 12.87 -5.55 4.09
C VAL A 311 12.39 -5.16 2.69
N ASP A 312 12.51 -6.07 1.74
CA ASP A 312 12.14 -5.78 0.36
C ASP A 312 10.65 -5.50 0.20
N GLU A 313 9.81 -6.00 1.11
CA GLU A 313 8.40 -5.66 0.99
C GLU A 313 7.96 -4.65 2.06
N GLY A 314 8.92 -3.95 2.65
CA GLY A 314 8.61 -2.81 3.51
C GLY A 314 8.60 -3.10 4.99
N ARG A 315 8.98 -4.32 5.37
CA ARG A 315 9.15 -4.63 6.79
C ARG A 315 10.59 -4.34 7.18
N THR A 316 10.87 -3.06 7.48
CA THR A 316 12.24 -2.57 7.58
C THR A 316 12.67 -2.22 8.98
N GLU A 317 11.70 -1.99 9.87
CA GLU A 317 12.04 -1.77 11.25
C GLU A 317 12.30 -3.11 11.95
N SER A 318 11.63 -4.13 11.44
CA SER A 318 11.63 -5.47 12.02
C SER A 318 10.81 -6.29 11.05
N PRO A 319 10.78 -7.62 11.23
CA PRO A 319 9.96 -8.41 10.32
C PRO A 319 8.51 -8.50 10.81
N LEU A 320 8.23 -7.84 11.92
CA LEU A 320 6.99 -8.12 12.64
C LEU A 320 5.78 -7.43 12.04
N GLN A 321 4.61 -7.97 12.35
CA GLN A 321 3.34 -7.36 11.97
C GLN A 321 2.46 -7.29 13.22
N SER A 322 1.57 -6.30 13.25
CA SER A 322 0.59 -6.21 14.33
C SER A 322 -0.50 -7.26 14.10
N PRO A 323 -1.24 -7.60 15.17
CA PRO A 323 -2.38 -8.50 15.00
C PRO A 323 -3.34 -8.02 13.91
N GLN A 324 -3.51 -6.70 13.80
CA GLN A 324 -4.41 -6.14 12.80
C GLN A 324 -3.86 -6.39 11.39
N GLN A 325 -2.55 -6.28 11.25
CA GLN A 325 -1.94 -6.55 9.96
C GLN A 325 -2.05 -8.03 9.63
N TRP A 326 -1.80 -8.90 10.61
CA TRP A 326 -1.94 -10.33 10.33
C TRP A 326 -3.36 -10.64 9.93
N ASN A 327 -4.31 -10.01 10.61
CA ASN A 327 -5.72 -10.23 10.28
C ASN A 327 -5.98 -9.98 8.78
N SER A 328 -5.48 -8.86 8.28
CA SER A 328 -5.73 -8.52 6.90
C SER A 328 -5.00 -9.47 5.96
N LEU A 329 -3.76 -9.81 6.29
CA LEU A 329 -2.96 -10.73 5.50
C LEU A 329 -3.60 -12.11 5.43
N LEU A 330 -4.08 -12.59 6.57
CA LEU A 330 -4.83 -13.85 6.62
C LEU A 330 -6.03 -13.83 5.68
N LYS A 331 -6.87 -12.79 5.72
CA LYS A 331 -8.05 -12.76 4.87
C LYS A 331 -7.64 -12.77 3.38
N GLN A 332 -6.54 -12.07 3.08
CA GLN A 332 -6.05 -11.99 1.70
C GLN A 332 -5.49 -13.31 1.19
N THR A 333 -5.18 -14.24 2.08
CA THR A 333 -4.51 -15.46 1.66
C THR A 333 -5.35 -16.70 1.90
N GLY A 334 -6.66 -16.51 2.00
CA GLY A 334 -7.60 -17.62 2.05
C GLY A 334 -8.02 -18.04 3.45
N PHE A 335 -7.67 -17.24 4.46
CA PHE A 335 -8.10 -17.53 5.83
C PHE A 335 -9.25 -16.62 6.26
N SER A 336 -9.78 -16.89 7.45
CA SER A 336 -10.86 -16.11 8.06
C SER A 336 -10.40 -14.79 8.62
N GLY A 337 -9.09 -14.66 8.80
CA GLY A 337 -8.52 -13.56 9.56
C GLY A 337 -8.24 -14.02 10.96
N VAL A 338 -8.08 -13.10 11.90
CA VAL A 338 -7.83 -13.54 13.26
C VAL A 338 -9.16 -13.87 13.92
N ASP A 339 -9.39 -15.14 14.21
CA ASP A 339 -10.63 -15.55 14.89
C ASP A 339 -10.52 -15.33 16.37
N LEU A 340 -9.29 -15.36 16.87
CA LEU A 340 -9.06 -15.23 18.28
C LEU A 340 -7.64 -14.75 18.51
N ALA A 341 -7.50 -13.72 19.31
CA ALA A 341 -6.17 -13.27 19.73
C ALA A 341 -6.05 -13.44 21.24
N ALA A 342 -4.98 -14.08 21.69
CA ALA A 342 -4.69 -14.17 23.11
C ALA A 342 -3.32 -13.56 23.37
N TYR A 343 -3.28 -12.54 24.21
CA TYR A 343 -2.05 -11.75 24.41
C TYR A 343 -1.32 -12.19 25.66
N ASP A 344 0.00 -12.10 25.62
CA ASP A 344 0.78 -12.57 26.74
C ASP A 344 0.48 -11.72 27.96
N LEU A 345 0.38 -10.41 27.78
CA LEU A 345 0.18 -9.50 28.90
C LEU A 345 -0.79 -8.39 28.54
N PRO A 346 -1.41 -7.77 29.57
CA PRO A 346 -2.15 -6.52 29.32
C PRO A 346 -1.22 -5.33 29.46
N GLY A 347 -1.67 -4.15 29.07
CA GLY A 347 -0.92 -2.95 29.38
C GLY A 347 0.21 -2.68 28.40
N PRO A 348 1.14 -1.81 28.80
CA PRO A 348 2.22 -1.37 27.91
C PRO A 348 3.21 -2.48 27.57
N GLU A 349 3.37 -3.47 28.44
CA GLU A 349 4.39 -4.50 28.26
C GLU A 349 3.98 -5.63 27.33
N ARG A 350 2.73 -5.61 26.88
CA ARG A 350 2.24 -6.65 25.97
C ARG A 350 3.15 -6.71 24.74
N HIS A 351 3.55 -7.90 24.33
CA HIS A 351 4.46 -7.98 23.18
C HIS A 351 4.33 -9.26 22.35
N SER A 352 3.53 -10.21 22.80
CA SER A 352 3.40 -11.45 22.04
C SER A 352 1.98 -11.98 22.13
N CYS A 353 1.63 -12.87 21.21
CA CYS A 353 0.28 -13.39 21.17
C CYS A 353 0.16 -14.71 20.44
N LEU A 354 -0.94 -15.39 20.72
CA LEU A 354 -1.47 -16.43 19.88
C LEU A 354 -2.59 -15.86 19.02
N LEU A 355 -2.49 -16.07 17.71
CA LEU A 355 -3.60 -15.75 16.82
C LEU A 355 -4.07 -17.04 16.21
N LEU A 356 -5.37 -17.30 16.31
CA LEU A 356 -5.96 -18.43 15.63
C LEU A 356 -6.75 -17.97 14.42
N SER A 357 -6.57 -18.70 13.32
CA SER A 357 -7.26 -18.39 12.09
C SER A 357 -7.80 -19.66 11.45
N THR A 358 -8.88 -19.51 10.69
CA THR A 358 -9.43 -20.66 9.98
C THR A 358 -9.15 -20.60 8.49
N ALA A 359 -8.68 -21.72 7.95
CA ALA A 359 -8.49 -21.84 6.53
C ALA A 359 -9.82 -21.99 5.83
N LEU A 360 -10.03 -21.18 4.80
CA LEU A 360 -11.26 -21.20 4.03
C LEU A 360 -11.06 -21.87 2.67
N SER A 361 -12.03 -22.69 2.28
CA SER A 361 -12.09 -23.18 0.91
C SER A 361 -12.38 -22.01 -0.01
N ASN A 362 -11.85 -22.05 -1.23
CA ASN A 362 -12.17 -21.03 -2.24
C ASN A 362 -12.57 -21.63 -3.59
N SER B 12 -20.69 25.05 -12.10
CA SER B 12 -19.50 25.23 -12.93
C SER B 12 -19.87 25.14 -14.42
N LYS B 13 -18.86 25.16 -15.29
CA LYS B 13 -19.08 24.97 -16.72
C LYS B 13 -18.40 23.67 -17.18
N GLN B 14 -18.18 22.77 -16.22
CA GLN B 14 -17.53 21.48 -16.42
C GLN B 14 -18.07 20.71 -17.64
N THR B 15 -17.18 20.16 -18.46
CA THR B 15 -17.59 19.20 -19.47
C THR B 15 -16.93 17.82 -19.28
N VAL B 16 -17.67 16.79 -19.68
CA VAL B 16 -17.18 15.42 -19.71
C VAL B 16 -17.53 14.83 -21.06
N GLY B 17 -16.54 14.28 -21.74
CA GLY B 17 -16.75 13.80 -23.09
C GLY B 17 -17.23 14.92 -24.01
N GLY B 18 -16.82 16.16 -23.70
CA GLY B 18 -17.11 17.29 -24.56
C GLY B 18 -18.50 17.86 -24.43
N VAL B 19 -19.26 17.40 -23.44
CA VAL B 19 -20.57 18.00 -23.18
C VAL B 19 -20.60 18.51 -21.76
N HIS B 20 -21.38 19.57 -21.54
CA HIS B 20 -21.52 20.19 -20.23
C HIS B 20 -22.35 19.29 -19.32
N VAL B 21 -21.82 19.02 -18.13
CA VAL B 21 -22.51 18.19 -17.14
C VAL B 21 -21.87 18.43 -15.77
N THR B 22 -22.68 18.51 -14.72
CA THR B 22 -22.20 18.75 -13.36
C THR B 22 -22.88 17.77 -12.44
N PRO B 23 -22.28 17.49 -11.26
CA PRO B 23 -22.98 16.65 -10.30
C PRO B 23 -24.38 17.18 -10.03
N GLU B 24 -24.48 18.48 -9.76
CA GLU B 24 -25.78 19.09 -9.43
C GLU B 24 -26.81 18.85 -10.53
N MET B 25 -26.35 18.92 -11.77
CA MET B 25 -27.21 18.68 -12.93
C MET B 25 -27.86 17.31 -12.85
N LEU B 26 -27.08 16.30 -12.50
CA LEU B 26 -27.60 14.95 -12.43
C LEU B 26 -28.34 14.71 -11.13
N GLU B 27 -27.80 15.23 -10.02
CA GLU B 27 -28.36 14.92 -8.70
C GLU B 27 -29.72 15.61 -8.46
N SER B 28 -29.98 16.69 -9.19
CA SER B 28 -31.22 17.44 -9.02
C SER B 28 -32.40 16.76 -9.72
N VAL B 29 -32.10 15.86 -10.65
CA VAL B 29 -33.15 15.13 -11.34
C VAL B 29 -34.04 14.39 -10.35
N GLN B 30 -35.34 14.62 -10.44
CA GLN B 30 -36.30 13.98 -9.56
C GLN B 30 -36.98 12.82 -10.29
N ILE B 31 -36.97 11.63 -9.67
CA ILE B 31 -37.59 10.47 -10.32
C ILE B 31 -38.43 9.65 -9.34
N PRO B 32 -39.55 9.10 -9.84
CA PRO B 32 -40.43 8.29 -8.98
C PRO B 32 -39.74 7.05 -8.41
N LEU B 33 -40.05 6.75 -7.15
CA LEU B 33 -39.51 5.58 -6.48
C LEU B 33 -40.63 4.93 -5.69
N GLU B 34 -40.47 3.65 -5.39
CA GLU B 34 -41.49 2.94 -4.63
C GLU B 34 -41.70 3.55 -3.24
N ALA B 35 -40.66 4.21 -2.72
CA ALA B 35 -40.78 4.88 -1.43
C ALA B 35 -41.88 5.97 -1.46
N ASP B 36 -42.05 6.59 -2.62
CA ASP B 36 -43.07 7.63 -2.81
C ASP B 36 -44.45 7.10 -2.46
N LYS B 37 -44.80 5.97 -3.08
CA LYS B 37 -46.12 5.37 -2.93
C LYS B 37 -46.44 5.05 -1.48
N VAL B 38 -45.39 5.00 -0.66
CA VAL B 38 -45.53 4.67 0.74
C VAL B 38 -45.24 5.92 1.59
N GLY B 39 -45.00 7.03 0.89
CA GLY B 39 -44.83 8.32 1.54
C GLY B 39 -43.55 8.45 2.35
N MET B 40 -42.51 7.76 1.88
CA MET B 40 -41.20 7.84 2.52
C MET B 40 -40.24 8.58 1.61
N THR B 41 -39.38 9.42 2.17
CA THR B 41 -38.32 10.02 1.38
C THR B 41 -37.33 8.89 1.05
N PRO B 42 -36.55 9.05 -0.03
CA PRO B 42 -35.61 7.99 -0.37
C PRO B 42 -34.66 7.65 0.78
N ALA B 43 -34.17 8.68 1.46
CA ALA B 43 -33.25 8.49 2.59
C ALA B 43 -33.94 7.81 3.76
N GLU B 44 -35.19 8.18 3.99
CA GLU B 44 -36.00 7.55 5.02
C GLU B 44 -36.16 6.05 4.74
N LYS B 45 -36.44 5.72 3.48
CA LYS B 45 -36.60 4.32 3.11
C LYS B 45 -35.29 3.57 3.26
N SER B 46 -34.22 4.13 2.69
CA SER B 46 -32.91 3.50 2.75
C SER B 46 -32.54 3.18 4.21
N LYS B 47 -32.82 4.12 5.10
CA LYS B 47 -32.55 3.92 6.53
C LYS B 47 -33.40 2.81 7.13
N LEU B 48 -34.68 2.79 6.80
CA LEU B 48 -35.56 1.74 7.31
C LEU B 48 -35.16 0.37 6.77
N VAL B 49 -34.73 0.34 5.51
CA VAL B 49 -34.26 -0.88 4.89
C VAL B 49 -33.10 -1.47 5.70
N ASN B 50 -32.19 -0.60 6.11
CA ASN B 50 -31.03 -1.09 6.84
C ASN B 50 -31.33 -1.33 8.32
N ALA B 51 -32.33 -0.64 8.86
CA ALA B 51 -32.76 -0.92 10.23
C ALA B 51 -33.43 -2.29 10.31
N ALA B 52 -34.31 -2.57 9.35
CA ALA B 52 -34.95 -3.88 9.27
C ALA B 52 -33.92 -4.97 9.01
N THR B 53 -32.93 -4.68 8.18
CA THR B 53 -31.87 -5.65 7.95
C THR B 53 -31.16 -5.92 9.27
N ALA B 54 -30.88 -4.86 10.03
CA ALA B 54 -30.08 -4.98 11.25
C ALA B 54 -30.75 -5.95 12.23
N VAL B 55 -32.07 -5.83 12.35
CA VAL B 55 -32.84 -6.72 13.20
C VAL B 55 -32.45 -8.18 12.96
N TYR B 56 -32.50 -8.59 11.68
CA TYR B 56 -32.20 -9.97 11.30
C TYR B 56 -30.73 -10.35 11.46
N ILE B 57 -29.83 -9.39 11.24
CA ILE B 57 -28.42 -9.65 11.46
C ILE B 57 -28.18 -9.93 12.94
N ASP B 58 -28.72 -9.03 13.76
CA ASP B 58 -28.61 -9.15 15.20
C ASP B 58 -29.14 -10.49 15.69
N MET B 59 -30.29 -10.89 15.16
CA MET B 59 -30.90 -12.18 15.46
C MET B 59 -29.98 -13.33 15.07
N ALA B 60 -29.50 -13.26 13.84
CA ALA B 60 -28.63 -14.29 13.28
C ALA B 60 -27.35 -14.45 14.11
N VAL B 61 -26.73 -13.32 14.45
CA VAL B 61 -25.52 -13.36 15.25
C VAL B 61 -25.83 -13.97 16.62
N GLU B 62 -26.99 -13.60 17.17
CA GLU B 62 -27.40 -14.15 18.46
C GLU B 62 -27.60 -15.66 18.38
N GLU B 63 -28.31 -16.11 17.36
CA GLU B 63 -28.56 -17.54 17.21
C GLU B 63 -27.26 -18.34 17.00
N MET B 64 -26.41 -17.89 16.09
CA MET B 64 -25.12 -18.55 15.87
C MET B 64 -24.34 -18.67 17.17
N ARG B 65 -24.29 -17.59 17.94
CA ARG B 65 -23.51 -17.58 19.18
C ARG B 65 -24.14 -18.40 20.30
N SER B 66 -25.42 -18.16 20.57
CA SER B 66 -26.15 -18.92 21.59
C SER B 66 -26.12 -20.42 21.33
N ARG B 67 -26.25 -20.82 20.07
CA ARG B 67 -26.27 -22.24 19.72
C ARG B 67 -24.87 -22.80 19.45
N GLY B 68 -23.85 -21.96 19.58
CA GLY B 68 -22.47 -22.39 19.37
C GLY B 68 -22.23 -22.95 17.98
N LEU B 69 -22.88 -22.36 16.99
CA LEU B 69 -22.75 -22.80 15.60
C LEU B 69 -21.60 -22.09 14.89
N ALA B 70 -21.05 -22.74 13.87
CA ALA B 70 -20.04 -22.13 13.04
C ALA B 70 -20.45 -22.25 11.57
N PRO B 71 -20.09 -21.24 10.76
CA PRO B 71 -20.43 -21.35 9.34
C PRO B 71 -19.56 -22.38 8.64
N LYS B 72 -19.98 -22.81 7.45
CA LYS B 72 -19.10 -23.60 6.59
C LYS B 72 -17.85 -22.77 6.31
N ALA B 73 -16.71 -23.44 6.25
CA ALA B 73 -15.44 -22.72 6.11
C ALA B 73 -15.17 -22.36 4.65
N ASP B 74 -15.99 -21.46 4.10
CA ASP B 74 -15.68 -20.88 2.79
C ASP B 74 -15.94 -19.38 2.86
N TYR B 75 -16.27 -18.77 1.73
CA TYR B 75 -16.48 -17.32 1.70
C TYR B 75 -17.57 -16.88 2.69
N ARG B 76 -18.45 -17.80 3.08
CA ARG B 76 -19.54 -17.46 3.99
C ARG B 76 -19.03 -16.96 5.31
N VAL B 77 -17.82 -17.37 5.67
CA VAL B 77 -17.20 -16.85 6.88
C VAL B 77 -17.01 -15.35 6.78
N HIS B 78 -16.67 -14.86 5.60
CA HIS B 78 -16.53 -13.40 5.40
C HIS B 78 -17.88 -12.70 5.62
N TRP B 79 -18.92 -13.34 5.11
CA TRP B 79 -20.27 -12.85 5.28
C TRP B 79 -20.56 -12.78 6.78
N TRP B 80 -20.30 -13.89 7.48
CA TRP B 80 -20.43 -13.96 8.93
C TRP B 80 -19.60 -12.89 9.66
N LYS B 81 -18.36 -12.68 9.21
CA LYS B 81 -17.50 -11.70 9.88
C LYS B 81 -18.10 -10.29 9.81
N VAL B 82 -18.67 -9.94 8.66
CA VAL B 82 -19.28 -8.62 8.54
C VAL B 82 -20.45 -8.50 9.51
N MET B 83 -21.22 -9.57 9.63
CA MET B 83 -22.38 -9.54 10.51
C MET B 83 -21.93 -9.41 11.96
N GLN B 84 -20.89 -10.15 12.32
CA GLN B 84 -20.34 -10.07 13.67
C GLN B 84 -19.84 -8.66 13.99
N ASP B 85 -19.09 -8.08 13.07
CA ASP B 85 -18.53 -6.75 13.30
C ASP B 85 -19.64 -5.73 13.44
N PHE B 86 -20.69 -5.93 12.66
CA PHE B 86 -21.82 -5.03 12.66
C PHE B 86 -22.47 -5.02 14.05
N VAL B 87 -22.49 -6.17 14.71
CA VAL B 87 -23.04 -6.26 16.05
C VAL B 87 -22.03 -5.84 17.11
N ASP B 88 -20.83 -6.41 17.07
CA ASP B 88 -19.82 -6.16 18.10
C ASP B 88 -19.36 -4.71 18.19
N SER B 89 -19.50 -3.97 17.09
CA SER B 89 -19.06 -2.59 17.03
C SER B 89 -20.11 -1.66 17.58
N GLY B 90 -21.32 -2.20 17.77
CA GLY B 90 -22.44 -1.40 18.20
C GLY B 90 -23.15 -0.68 17.07
N GLU B 91 -22.64 -0.86 15.86
CA GLU B 91 -23.28 -0.30 14.68
C GLU B 91 -24.73 -0.72 14.62
N GLY B 92 -24.98 -2.00 14.90
CA GLY B 92 -26.32 -2.55 14.95
C GLY B 92 -27.27 -1.79 15.87
N GLN B 93 -26.85 -1.61 17.13
CA GLN B 93 -27.70 -0.97 18.12
C GLN B 93 -27.92 0.52 17.85
N ARG B 94 -26.92 1.18 17.28
CA ARG B 94 -27.12 2.58 16.90
C ARG B 94 -28.17 2.63 15.78
N VAL B 95 -28.09 1.69 14.85
CA VAL B 95 -29.00 1.65 13.72
C VAL B 95 -30.44 1.42 14.16
N LEU B 96 -30.59 0.54 15.16
CA LEU B 96 -31.92 0.17 15.64
C LEU B 96 -32.66 1.34 16.33
N GLN B 97 -31.91 2.15 17.10
CA GLN B 97 -32.52 3.22 17.87
C GLN B 97 -32.37 4.58 17.20
N GLU B 98 -31.89 4.59 15.95
CA GLU B 98 -32.09 5.74 15.09
C GLU B 98 -33.37 5.52 14.29
N THR B 102 -42.42 0.55 16.99
CA THR B 102 -41.85 -0.32 18.01
C THR B 102 -41.36 -1.65 17.37
N ASN B 103 -41.77 -2.78 17.94
CA ASN B 103 -41.27 -4.11 17.59
C ASN B 103 -42.15 -4.80 16.53
N GLN B 104 -43.41 -5.08 16.88
CA GLN B 104 -44.36 -5.74 15.98
C GLN B 104 -44.33 -5.10 14.61
N GLU B 105 -44.30 -3.76 14.59
CA GLU B 105 -44.29 -3.00 13.35
C GLU B 105 -43.10 -3.28 12.42
N LEU B 106 -42.18 -4.14 12.87
CA LEU B 106 -41.10 -4.59 12.00
C LEU B 106 -41.67 -5.19 10.72
N GLU B 107 -42.65 -6.09 10.86
CA GLU B 107 -43.25 -6.73 9.71
C GLU B 107 -44.03 -5.72 8.89
N ARG B 108 -44.68 -4.78 9.57
CA ARG B 108 -45.42 -3.72 8.89
C ARG B 108 -44.46 -2.84 8.10
N VAL B 109 -43.32 -2.50 8.70
CA VAL B 109 -42.30 -1.75 7.98
C VAL B 109 -41.83 -2.51 6.75
N ILE B 110 -41.49 -3.79 6.94
CA ILE B 110 -41.03 -4.62 5.83
C ILE B 110 -42.03 -4.64 4.69
N ALA B 111 -43.31 -4.75 5.02
CA ALA B 111 -44.39 -4.75 4.03
C ALA B 111 -44.36 -3.50 3.18
N LYS B 112 -43.92 -2.39 3.78
CA LYS B 112 -43.87 -1.10 3.11
C LYS B 112 -42.54 -0.85 2.37
N LEU B 113 -41.57 -1.75 2.52
CA LEU B 113 -40.23 -1.53 1.95
C LEU B 113 -40.04 -2.07 0.54
N GLY B 114 -41.11 -2.54 -0.08
CA GLY B 114 -41.04 -2.98 -1.47
C GLY B 114 -40.09 -4.13 -1.73
N ILE B 115 -39.39 -4.06 -2.86
CA ILE B 115 -38.48 -5.12 -3.27
C ILE B 115 -37.36 -5.36 -2.23
N GLU B 116 -36.80 -4.29 -1.68
CA GLU B 116 -35.80 -4.42 -0.62
C GLU B 116 -36.41 -5.16 0.55
N GLY B 117 -37.66 -4.83 0.86
CA GLY B 117 -38.38 -5.51 1.93
C GLY B 117 -38.57 -6.99 1.60
N GLU B 118 -38.82 -7.28 0.33
CA GLU B 118 -38.89 -8.67 -0.13
C GLU B 118 -37.58 -9.40 0.13
N VAL B 119 -36.49 -8.79 -0.31
CA VAL B 119 -35.16 -9.36 -0.06
C VAL B 119 -34.96 -9.63 1.42
N ILE B 120 -35.26 -8.64 2.26
CA ILE B 120 -35.05 -8.78 3.70
C ILE B 120 -35.84 -9.96 4.27
N ALA B 121 -37.07 -10.13 3.82
CA ALA B 121 -37.94 -11.20 4.27
C ALA B 121 -37.48 -12.56 3.77
N ARG B 122 -36.94 -12.61 2.56
CA ARG B 122 -36.36 -13.84 2.04
C ARG B 122 -35.05 -14.23 2.74
N MET B 123 -34.09 -13.30 2.74
CA MET B 123 -32.74 -13.60 3.20
C MET B 123 -32.58 -13.57 4.71
N GLY B 124 -33.18 -12.58 5.36
CA GLY B 124 -33.04 -12.38 6.79
C GLY B 124 -33.20 -13.59 7.70
N PRO B 125 -34.35 -14.27 7.61
CA PRO B 125 -34.51 -15.45 8.48
C PRO B 125 -33.72 -16.67 7.99
N GLU B 126 -33.15 -16.58 6.79
CA GLU B 126 -32.42 -17.70 6.20
C GLU B 126 -30.91 -17.66 6.49
N ILE B 127 -30.48 -16.64 7.23
CA ILE B 127 -29.06 -16.42 7.46
C ILE B 127 -28.39 -17.63 8.10
N VAL B 128 -28.92 -18.09 9.21
CA VAL B 128 -28.27 -19.20 9.92
C VAL B 128 -28.23 -20.45 9.07
N ASN B 129 -29.27 -20.67 8.28
CA ASN B 129 -29.35 -21.85 7.41
C ASN B 129 -28.30 -21.81 6.32
N ILE B 130 -28.15 -20.64 5.70
CA ILE B 130 -27.15 -20.47 4.66
C ILE B 130 -25.75 -20.63 5.26
N LEU B 131 -25.52 -20.03 6.42
CA LEU B 131 -24.20 -20.10 7.06
C LEU B 131 -23.81 -21.53 7.38
N THR B 132 -24.76 -22.28 7.93
CA THR B 132 -24.50 -23.65 8.37
C THR B 132 -24.66 -24.65 7.23
N GLY B 133 -24.88 -24.15 6.03
CA GLY B 133 -24.97 -25.03 4.86
C GLY B 133 -26.29 -25.78 4.69
N LYS B 134 -27.32 -25.37 5.45
CA LYS B 134 -28.66 -25.97 5.30
C LYS B 134 -29.42 -25.42 4.09
N THR B 135 -28.99 -24.28 3.56
CA THR B 135 -29.69 -23.63 2.46
C THR B 135 -28.76 -23.15 1.36
N HIS B 136 -29.10 -23.44 0.11
CA HIS B 136 -28.29 -22.96 -1.01
C HIS B 136 -28.67 -21.51 -1.32
N ALA B 137 -27.76 -20.58 -1.00
CA ALA B 137 -28.03 -19.15 -1.05
C ALA B 137 -28.51 -18.66 -2.42
N LEU B 138 -27.81 -19.05 -3.48
CA LEU B 138 -28.16 -18.57 -4.82
C LEU B 138 -29.54 -19.05 -5.26
N ALA B 139 -29.82 -20.34 -5.12
CA ALA B 139 -31.15 -20.87 -5.45
C ALA B 139 -32.22 -20.18 -4.62
N HIS B 140 -31.89 -19.92 -3.35
CA HIS B 140 -32.83 -19.27 -2.45
C HIS B 140 -33.20 -17.86 -2.89
N ILE B 141 -32.20 -17.05 -3.25
CA ILE B 141 -32.47 -15.67 -3.66
C ILE B 141 -32.90 -15.55 -5.13
N MET B 142 -32.57 -16.56 -5.94
CA MET B 142 -32.99 -16.58 -7.34
C MET B 142 -34.49 -16.88 -7.46
N ARG B 143 -35.06 -17.49 -6.42
CA ARG B 143 -36.49 -17.76 -6.37
C ARG B 143 -37.32 -16.53 -6.71
N ASP B 144 -38.28 -16.69 -7.62
CA ASP B 144 -39.15 -15.60 -8.08
C ASP B 144 -38.37 -14.47 -8.76
N ASP B 145 -37.20 -14.80 -9.30
CA ASP B 145 -36.33 -13.81 -9.95
C ASP B 145 -35.97 -12.64 -9.04
N LEU B 146 -36.01 -12.88 -7.74
CA LEU B 146 -35.80 -11.84 -6.74
C LEU B 146 -34.43 -11.19 -6.87
N LEU B 147 -33.40 -12.00 -7.13
CA LEU B 147 -32.04 -11.46 -7.30
C LEU B 147 -31.97 -10.50 -8.48
N PHE B 148 -32.64 -10.84 -9.57
CA PHE B 148 -32.66 -9.96 -10.73
C PHE B 148 -33.47 -8.72 -10.42
N ARG B 149 -34.54 -8.89 -9.66
CA ARG B 149 -35.42 -7.78 -9.35
C ARG B 149 -34.79 -6.77 -8.41
N VAL B 150 -33.88 -7.20 -7.55
CA VAL B 150 -33.27 -6.27 -6.60
C VAL B 150 -32.46 -5.20 -7.34
N TYR B 151 -31.98 -5.53 -8.54
CA TYR B 151 -31.27 -4.57 -9.38
C TYR B 151 -32.19 -3.43 -9.85
N LEU B 152 -33.49 -3.66 -9.79
CA LEU B 152 -34.49 -2.68 -10.26
C LEU B 152 -35.02 -1.84 -9.10
N SER B 153 -34.68 -2.24 -7.89
CA SER B 153 -35.19 -1.58 -6.70
C SER B 153 -34.72 -0.12 -6.59
N ASP B 154 -35.40 0.63 -5.72
CA ASP B 154 -35.07 2.03 -5.45
C ASP B 154 -33.58 2.24 -5.16
N GLU B 155 -33.02 1.31 -4.40
CA GLU B 155 -31.67 1.43 -3.85
C GLU B 155 -30.63 1.70 -4.95
N GLY B 156 -30.94 1.33 -6.19
CA GLY B 156 -30.05 1.60 -7.32
C GLY B 156 -30.63 2.40 -8.48
N ARG B 157 -31.82 2.96 -8.30
CA ARG B 157 -32.50 3.57 -9.45
C ARG B 157 -31.95 4.96 -9.79
N ARG B 158 -31.58 5.74 -8.77
CA ARG B 158 -31.12 7.10 -9.04
C ARG B 158 -29.78 7.10 -9.82
N ALA B 159 -28.87 6.21 -9.46
CA ALA B 159 -27.56 6.17 -10.12
C ALA B 159 -27.70 5.72 -11.57
N ASN B 160 -28.66 4.82 -11.82
CA ASN B 160 -28.95 4.38 -13.18
C ASN B 160 -29.49 5.54 -14.01
N ARG B 161 -30.39 6.29 -13.40
CA ARG B 161 -30.91 7.50 -14.02
C ARG B 161 -29.77 8.46 -14.33
N TYR B 162 -28.83 8.60 -13.40
CA TYR B 162 -27.71 9.51 -13.64
C TYR B 162 -26.98 9.09 -14.91
N MET B 163 -26.73 7.79 -15.03
CA MET B 163 -26.01 7.24 -16.17
C MET B 163 -26.78 7.55 -17.45
N ALA B 164 -28.09 7.33 -17.38
CA ALA B 164 -28.98 7.60 -18.51
C ALA B 164 -28.97 9.08 -18.87
N GLU B 165 -29.08 9.95 -17.86
CA GLU B 165 -29.05 11.40 -18.11
C GLU B 165 -27.75 11.78 -18.79
N TYR B 166 -26.62 11.24 -18.34
CA TYR B 166 -25.37 11.65 -18.98
C TYR B 166 -25.35 11.13 -20.41
N ALA B 167 -25.79 9.90 -20.59
CA ALA B 167 -25.80 9.30 -21.92
C ALA B 167 -26.73 10.10 -22.87
N ARG B 168 -27.83 10.61 -22.32
CA ARG B 168 -28.72 11.48 -23.10
C ARG B 168 -27.99 12.78 -23.48
N LEU B 169 -27.33 13.40 -22.51
CA LEU B 169 -26.55 14.61 -22.78
C LEU B 169 -25.52 14.34 -23.86
N LEU B 170 -24.86 13.20 -23.78
CA LEU B 170 -23.80 12.90 -24.71
C LEU B 170 -24.35 12.65 -26.12
N THR B 171 -25.24 11.68 -26.26
CA THR B 171 -25.65 11.22 -27.59
C THR B 171 -26.52 12.24 -28.33
N SER B 172 -27.19 13.11 -27.57
CA SER B 172 -28.02 14.17 -28.16
C SER B 172 -27.17 15.33 -28.70
N GLN B 173 -25.97 15.52 -28.15
CA GLN B 173 -25.12 16.63 -28.57
C GLN B 173 -23.98 16.21 -29.49
N ARG B 174 -23.69 14.92 -29.54
CA ARG B 174 -22.63 14.39 -30.39
C ARG B 174 -23.19 13.20 -31.17
N ARG B 175 -22.85 13.12 -32.45
CA ARG B 175 -23.43 12.11 -33.32
C ARG B 175 -22.43 10.97 -33.60
N ASP B 176 -22.97 9.80 -33.91
CA ASP B 176 -22.19 8.58 -34.14
C ASP B 176 -21.44 8.09 -32.90
N ILE B 177 -21.96 8.40 -31.72
CA ILE B 177 -21.36 7.92 -30.48
C ILE B 177 -21.44 6.40 -30.45
N ARG B 178 -20.31 5.75 -30.13
CA ARG B 178 -20.27 4.30 -29.97
C ARG B 178 -20.24 3.95 -28.48
N ILE B 179 -21.28 3.22 -28.06
CA ILE B 179 -21.47 2.84 -26.66
C ILE B 179 -21.29 1.34 -26.44
N LEU B 180 -20.54 0.96 -25.41
CA LEU B 180 -20.52 -0.44 -24.97
C LEU B 180 -20.94 -0.52 -23.51
N GLU B 181 -21.86 -1.42 -23.19
CA GLU B 181 -22.16 -1.67 -21.80
C GLU B 181 -21.58 -3.01 -21.32
N ILE B 182 -20.84 -2.94 -20.22
CA ILE B 182 -20.26 -4.12 -19.58
C ILE B 182 -21.24 -4.65 -18.54
N GLY B 183 -21.35 -5.98 -18.44
CA GLY B 183 -22.23 -6.60 -17.47
C GLY B 183 -23.66 -6.10 -17.56
N ALA B 184 -24.21 -6.05 -18.76
CA ALA B 184 -25.54 -5.48 -18.95
C ALA B 184 -26.63 -6.33 -18.29
N GLY B 185 -26.33 -7.60 -18.05
CA GLY B 185 -27.26 -8.47 -17.33
C GLY B 185 -28.62 -8.51 -18.02
N THR B 186 -29.67 -8.30 -17.24
CA THR B 186 -31.03 -8.30 -17.79
C THR B 186 -31.42 -6.95 -18.37
N GLY B 187 -30.53 -5.96 -18.28
CA GLY B 187 -30.73 -4.69 -18.94
C GLY B 187 -31.47 -3.61 -18.16
N GLY B 188 -31.35 -3.63 -16.84
CA GLY B 188 -31.96 -2.58 -16.03
C GLY B 188 -31.38 -1.21 -16.35
N THR B 189 -30.04 -1.13 -16.37
CA THR B 189 -29.38 0.12 -16.72
C THR B 189 -29.64 0.49 -18.17
N THR B 190 -29.45 -0.50 -19.04
CA THR B 190 -29.74 -0.37 -20.47
C THR B 190 -31.11 0.22 -20.75
N SER B 191 -32.12 -0.32 -20.08
CA SER B 191 -33.47 0.17 -20.29
C SER B 191 -33.57 1.64 -19.93
N GLU B 192 -32.96 2.02 -18.83
CA GLU B 192 -32.98 3.40 -18.39
C GLU B 192 -32.26 4.28 -19.40
N VAL B 193 -31.13 3.80 -19.89
CA VAL B 193 -30.35 4.56 -20.86
C VAL B 193 -31.14 4.72 -22.16
N LEU B 194 -31.72 3.63 -22.64
CA LEU B 194 -32.42 3.70 -23.92
C LEU B 194 -33.68 4.56 -23.86
N ASN B 195 -34.49 4.39 -22.83
CA ASN B 195 -35.71 5.19 -22.68
C ASN B 195 -35.44 6.71 -22.62
N LEU B 196 -34.30 7.10 -22.04
CA LEU B 196 -33.97 8.51 -21.95
C LEU B 196 -33.32 9.05 -23.22
N CYS B 197 -32.46 8.24 -23.84
CA CYS B 197 -31.75 8.63 -25.05
C CYS B 197 -32.58 8.53 -26.30
N SER B 198 -33.58 7.64 -26.27
CA SER B 198 -34.36 7.30 -27.46
C SER B 198 -35.77 6.92 -27.04
N PRO B 199 -36.54 7.90 -26.53
CA PRO B 199 -37.85 7.60 -25.94
C PRO B 199 -38.78 6.90 -26.92
N ASN B 200 -38.53 7.09 -28.21
CA ASN B 200 -39.42 6.57 -29.25
C ASN B 200 -38.72 5.67 -30.24
N GLY B 201 -37.48 5.28 -29.95
CA GLY B 201 -36.73 4.43 -30.86
C GLY B 201 -35.91 5.20 -31.89
N GLU B 202 -35.96 6.52 -31.82
CA GLU B 202 -35.28 7.35 -32.83
C GLU B 202 -33.79 7.08 -32.76
N SER B 203 -33.08 7.30 -33.86
CA SER B 203 -31.65 6.99 -33.88
C SER B 203 -30.89 7.97 -32.98
N PHE B 204 -30.07 7.44 -32.07
CA PHE B 204 -29.39 8.29 -31.11
C PHE B 204 -27.89 8.01 -31.00
N CYS B 205 -27.43 6.91 -31.59
CA CYS B 205 -26.02 6.55 -31.52
C CYS B 205 -25.64 5.66 -32.69
N ALA B 206 -24.34 5.50 -32.92
CA ALA B 206 -23.85 4.65 -34.00
C ALA B 206 -23.92 3.20 -33.62
N GLU B 207 -23.79 2.93 -32.32
CA GLU B 207 -23.73 1.57 -31.83
C GLU B 207 -23.99 1.52 -30.32
N TYR B 208 -24.90 0.64 -29.92
CA TYR B 208 -24.97 0.24 -28.53
C TYR B 208 -24.61 -1.23 -28.45
N MET B 209 -23.39 -1.50 -28.00
CA MET B 209 -22.92 -2.86 -27.79
C MET B 209 -23.28 -3.34 -26.38
N TYR B 210 -24.30 -4.20 -26.33
CA TYR B 210 -24.81 -4.81 -25.12
C TYR B 210 -23.98 -6.05 -24.80
N THR B 211 -23.20 -6.02 -23.72
CA THR B 211 -22.40 -7.20 -23.41
C THR B 211 -22.64 -7.75 -22.01
N ASP B 212 -22.30 -9.02 -21.83
CA ASP B 212 -22.31 -9.62 -20.53
C ASP B 212 -21.39 -10.82 -20.55
N LEU B 213 -21.01 -11.27 -19.36
CA LEU B 213 -20.17 -12.46 -19.22
C LEU B 213 -20.91 -13.66 -19.78
N SER B 214 -22.23 -13.67 -19.63
CA SER B 214 -23.03 -14.81 -20.09
C SER B 214 -24.04 -14.46 -21.17
N PRO B 215 -23.98 -15.18 -22.30
CA PRO B 215 -24.89 -14.96 -23.43
C PRO B 215 -26.33 -15.26 -23.05
N GLY B 216 -26.52 -15.99 -21.95
CA GLY B 216 -27.83 -16.42 -21.51
C GLY B 216 -28.84 -15.30 -21.34
N PHE B 217 -28.36 -14.11 -20.97
CA PHE B 217 -29.23 -12.95 -20.81
C PHE B 217 -29.80 -12.43 -22.13
N PHE B 218 -29.08 -12.65 -23.23
CA PHE B 218 -29.31 -11.90 -24.47
C PHE B 218 -30.71 -12.08 -25.06
N ASN B 219 -31.20 -13.31 -25.03
CA ASN B 219 -32.54 -13.59 -25.55
C ASN B 219 -33.60 -12.72 -24.88
N ALA B 220 -33.69 -12.84 -23.56
CA ALA B 220 -34.57 -12.01 -22.76
C ALA B 220 -34.30 -10.54 -23.03
N ALA B 221 -33.02 -10.20 -23.03
CA ALA B 221 -32.55 -8.83 -23.23
C ALA B 221 -33.08 -8.26 -24.56
N LYS B 222 -32.89 -9.02 -25.65
CA LYS B 222 -33.48 -8.69 -26.96
C LYS B 222 -34.98 -8.42 -26.80
N THR B 223 -35.78 -9.41 -26.34
CA THR B 223 -37.22 -9.19 -26.16
C THR B 223 -37.55 -7.96 -25.30
N THR B 224 -36.95 -7.88 -24.12
CA THR B 224 -37.26 -6.78 -23.22
C THR B 224 -36.91 -5.41 -23.83
N LEU B 225 -36.06 -5.41 -24.85
CA LEU B 225 -35.59 -4.18 -25.48
C LEU B 225 -35.79 -4.11 -27.00
N LYS B 226 -36.76 -4.83 -27.56
CA LYS B 226 -36.83 -4.87 -29.04
C LYS B 226 -37.32 -3.55 -29.60
N LYS B 227 -37.82 -2.64 -28.75
CA LYS B 227 -38.05 -1.26 -29.20
C LYS B 227 -36.78 -0.63 -29.77
N TRP B 228 -35.63 -1.17 -29.36
CA TRP B 228 -34.33 -0.72 -29.86
C TRP B 228 -33.52 -1.84 -30.53
N GLU B 229 -34.21 -2.86 -31.07
CA GLU B 229 -33.63 -3.86 -31.95
C GLU B 229 -32.55 -3.33 -32.89
N SER B 230 -32.91 -2.33 -33.68
CA SER B 230 -32.00 -1.73 -34.66
C SER B 230 -30.73 -1.15 -34.07
N HIS B 231 -30.88 -0.52 -32.91
CA HIS B 231 -29.77 0.13 -32.22
C HIS B 231 -28.78 -0.84 -31.58
N LEU B 232 -29.28 -1.99 -31.15
CA LEU B 232 -28.51 -2.82 -30.22
C LEU B 232 -27.70 -3.89 -30.92
N ALA B 233 -26.52 -4.14 -30.38
CA ALA B 233 -25.73 -5.30 -30.75
C ALA B 233 -25.47 -6.13 -29.50
N PHE B 234 -25.30 -7.43 -29.66
CA PHE B 234 -25.13 -8.32 -28.52
C PHE B 234 -23.91 -9.20 -28.65
N GLN B 235 -23.06 -9.16 -27.62
CA GLN B 235 -21.82 -9.92 -27.66
C GLN B 235 -21.31 -10.21 -26.27
N VAL B 236 -20.71 -11.37 -26.10
CA VAL B 236 -20.18 -11.78 -24.82
C VAL B 236 -18.88 -11.05 -24.50
N LEU B 237 -18.76 -10.56 -23.27
CA LEU B 237 -17.52 -9.94 -22.83
C LEU B 237 -17.24 -10.27 -21.38
N ASN B 238 -16.11 -10.90 -21.14
CA ASN B 238 -15.55 -11.06 -19.82
C ASN B 238 -14.49 -9.99 -19.66
N ILE B 239 -14.83 -8.91 -18.97
CA ILE B 239 -13.93 -7.76 -18.82
C ILE B 239 -12.63 -8.12 -18.09
N GLU B 240 -12.61 -9.26 -17.39
CA GLU B 240 -11.34 -9.66 -16.77
C GLU B 240 -10.37 -10.22 -17.79
N ASP B 241 -10.83 -10.45 -19.01
CA ASP B 241 -9.94 -10.95 -20.06
C ASP B 241 -9.81 -9.93 -21.19
N ASP B 242 -8.69 -10.02 -21.91
CA ASP B 242 -8.42 -9.09 -23.01
C ASP B 242 -9.56 -8.96 -24.00
N PRO B 243 -10.11 -7.75 -24.16
CA PRO B 243 -11.28 -7.56 -25.00
C PRO B 243 -11.05 -7.87 -26.49
N ALA B 244 -9.84 -7.64 -27.00
CA ALA B 244 -9.56 -7.91 -28.41
C ALA B 244 -9.75 -9.41 -28.69
N GLY B 245 -9.20 -10.24 -27.81
CA GLY B 245 -9.32 -11.68 -27.90
C GLY B 245 -10.73 -12.23 -27.86
N GLN B 246 -11.69 -11.35 -27.59
CA GLN B 246 -13.11 -11.71 -27.55
C GLN B 246 -13.86 -11.01 -28.68
N GLY B 247 -13.11 -10.55 -29.67
CA GLY B 247 -13.69 -9.99 -30.87
C GLY B 247 -14.15 -8.56 -30.80
N PHE B 248 -13.59 -7.79 -29.88
CA PHE B 248 -13.95 -6.37 -29.80
C PHE B 248 -12.87 -5.52 -30.42
N LYS B 249 -13.26 -4.45 -31.09
CA LYS B 249 -12.27 -3.58 -31.70
C LYS B 249 -11.79 -2.56 -30.67
N GLU B 250 -10.52 -2.69 -30.31
CA GLU B 250 -9.90 -1.83 -29.32
C GLU B 250 -10.05 -0.36 -29.67
N HIS B 251 -10.23 0.44 -28.61
CA HIS B 251 -10.18 1.89 -28.72
C HIS B 251 -11.17 2.47 -29.71
N THR B 252 -12.36 1.88 -29.83
CA THR B 252 -13.37 2.40 -30.74
C THR B 252 -14.60 2.96 -30.06
N TYR B 253 -14.72 2.79 -28.74
CA TYR B 253 -15.94 3.28 -28.09
C TYR B 253 -15.76 4.65 -27.46
N ASP B 254 -16.83 5.44 -27.51
CA ASP B 254 -16.86 6.78 -26.93
C ASP B 254 -17.38 6.78 -25.50
N LEU B 255 -18.20 5.77 -25.19
CA LEU B 255 -18.80 5.63 -23.86
C LEU B 255 -18.87 4.19 -23.47
N ILE B 256 -18.35 3.89 -22.28
CA ILE B 256 -18.56 2.56 -21.74
C ILE B 256 -19.36 2.68 -20.46
N ILE B 257 -20.39 1.85 -20.36
CA ILE B 257 -21.27 1.86 -19.21
C ILE B 257 -21.05 0.54 -18.47
N ALA B 258 -20.79 0.66 -17.17
CA ALA B 258 -20.56 -0.50 -16.32
C ALA B 258 -21.25 -0.27 -15.01
N ALA B 259 -22.43 -0.88 -14.86
CA ALA B 259 -23.25 -0.63 -13.71
C ALA B 259 -23.12 -1.78 -12.73
N ASN B 260 -22.52 -1.50 -11.60
CA ASN B 260 -22.30 -2.49 -10.54
C ASN B 260 -21.81 -3.86 -11.03
N VAL B 261 -20.74 -3.84 -11.78
CA VAL B 261 -20.17 -5.06 -12.30
C VAL B 261 -18.67 -5.04 -12.09
N ILE B 262 -18.06 -3.86 -12.19
CA ILE B 262 -16.60 -3.79 -12.10
C ILE B 262 -16.09 -4.29 -10.76
N HIS B 263 -16.84 -4.02 -9.68
CA HIS B 263 -16.38 -4.49 -8.37
C HIS B 263 -16.45 -6.01 -8.28
N ALA B 264 -17.25 -6.64 -9.13
CA ALA B 264 -17.42 -8.10 -9.07
C ALA B 264 -16.31 -8.82 -9.83
N THR B 265 -15.21 -8.14 -10.11
CA THR B 265 -14.07 -8.81 -10.74
C THR B 265 -12.99 -9.01 -9.69
N ALA B 266 -11.97 -9.81 -10.01
CA ALA B 266 -10.99 -10.23 -9.01
C ALA B 266 -9.90 -9.21 -8.75
N ARG B 267 -9.46 -8.54 -9.82
CA ARG B 267 -8.36 -7.57 -9.73
C ARG B 267 -8.72 -6.27 -10.45
N LEU B 268 -9.03 -5.24 -9.66
CA LEU B 268 -9.61 -4.04 -10.24
C LEU B 268 -8.68 -3.39 -11.26
N THR B 269 -7.36 -3.35 -11.00
CA THR B 269 -6.49 -2.67 -11.96
C THR B 269 -6.46 -3.43 -13.28
N ASN B 270 -6.56 -4.76 -13.22
CA ASN B 270 -6.65 -5.56 -14.43
C ASN B 270 -7.95 -5.28 -15.18
N THR B 271 -9.05 -5.26 -14.45
CA THR B 271 -10.34 -4.95 -15.06
C THR B 271 -10.33 -3.57 -15.72
N LEU B 272 -9.85 -2.58 -14.99
CA LEU B 272 -9.85 -1.21 -15.49
C LEU B 272 -8.94 -1.10 -16.73
N SER B 273 -7.85 -1.86 -16.76
CA SER B 273 -6.98 -1.83 -17.92
C SER B 273 -7.69 -2.36 -19.14
N ASN B 274 -8.56 -3.34 -18.93
CA ASN B 274 -9.31 -3.90 -20.06
C ASN B 274 -10.38 -2.94 -20.54
N VAL B 275 -11.00 -2.20 -19.62
CA VAL B 275 -11.94 -1.17 -19.99
C VAL B 275 -11.22 -0.15 -20.85
N HIS B 276 -10.02 0.20 -20.43
CA HIS B 276 -9.23 1.21 -21.12
C HIS B 276 -8.97 0.81 -22.57
N LYS B 277 -8.73 -0.47 -22.80
CA LYS B 277 -8.43 -0.97 -24.15
C LYS B 277 -9.60 -0.81 -25.11
N LEU B 278 -10.81 -0.73 -24.59
CA LEU B 278 -11.99 -0.56 -25.44
C LEU B 278 -12.24 0.90 -25.82
N LEU B 279 -11.70 1.84 -25.04
CA LEU B 279 -12.09 3.23 -25.21
C LEU B 279 -11.15 4.00 -26.12
N LYS B 280 -11.72 4.88 -26.93
CA LYS B 280 -10.93 5.88 -27.62
C LYS B 280 -10.31 6.75 -26.55
N PRO B 281 -9.11 7.29 -26.80
CA PRO B 281 -8.61 8.37 -25.96
C PRO B 281 -9.65 9.48 -25.95
N GLY B 282 -9.97 10.01 -24.77
CA GLY B 282 -11.06 10.99 -24.67
C GLY B 282 -12.40 10.33 -24.45
N GLY B 283 -12.45 9.02 -24.66
CA GLY B 283 -13.67 8.29 -24.41
C GLY B 283 -14.03 8.30 -22.93
N VAL B 284 -15.32 8.17 -22.64
CA VAL B 284 -15.81 8.28 -21.27
C VAL B 284 -16.19 6.92 -20.69
N PHE B 285 -15.75 6.69 -19.47
CA PHE B 285 -16.13 5.52 -18.69
C PHE B 285 -17.22 5.96 -17.71
N GLY B 286 -18.42 5.41 -17.85
CA GLY B 286 -19.47 5.66 -16.88
C GLY B 286 -19.51 4.48 -15.93
N LEU B 287 -19.09 4.71 -14.69
CA LEU B 287 -19.03 3.70 -13.66
C LEU B 287 -20.16 3.92 -12.66
N VAL B 288 -21.10 2.99 -12.62
CA VAL B 288 -22.13 3.06 -11.61
C VAL B 288 -21.78 2.03 -10.54
N GLU B 289 -21.56 2.52 -9.32
CA GLU B 289 -21.08 1.68 -8.23
C GLU B 289 -21.67 2.08 -6.91
N LEU B 290 -21.83 1.11 -6.01
CA LEU B 290 -22.07 1.43 -4.61
C LEU B 290 -20.89 2.21 -4.03
N THR B 291 -21.14 3.23 -3.22
CA THR B 291 -20.06 4.02 -2.65
C THR B 291 -19.51 3.39 -1.37
N ARG B 292 -20.31 2.53 -0.75
CA ARG B 292 -19.94 1.95 0.52
C ARG B 292 -20.85 0.79 0.85
N LEU B 293 -20.36 -0.06 1.73
CA LEU B 293 -21.14 -1.19 2.21
C LEU B 293 -22.22 -0.71 3.18
N THR B 294 -23.43 -1.24 3.01
CA THR B 294 -24.51 -1.07 3.98
C THR B 294 -24.94 -2.47 4.42
N PRO B 295 -25.61 -2.57 5.56
CA PRO B 295 -26.05 -3.90 6.02
C PRO B 295 -26.89 -4.62 4.98
N PHE B 296 -27.76 -3.89 4.31
CA PHE B 296 -28.65 -4.48 3.33
C PHE B 296 -27.86 -5.15 2.20
N TYR B 297 -26.81 -4.50 1.72
CA TYR B 297 -26.02 -5.10 0.64
C TYR B 297 -25.27 -6.34 1.09
N ASN B 298 -24.78 -6.30 2.32
CA ASN B 298 -24.09 -7.47 2.84
C ASN B 298 -25.08 -8.61 2.95
N LEU B 299 -26.27 -8.32 3.44
CA LEU B 299 -27.29 -9.34 3.57
C LEU B 299 -27.63 -9.89 2.19
N THR B 300 -27.84 -8.99 1.24
CA THR B 300 -28.37 -9.34 -0.06
C THR B 300 -27.37 -10.10 -0.94
N PHE B 301 -26.14 -9.60 -1.02
CA PHE B 301 -25.17 -10.20 -1.91
C PHE B 301 -24.07 -10.98 -1.20
N GLY B 302 -23.96 -10.81 0.10
CA GLY B 302 -22.86 -11.39 0.85
C GLY B 302 -22.86 -12.91 0.93
N SER B 303 -24.03 -13.54 0.76
CA SER B 303 -24.07 -15.00 0.77
C SER B 303 -23.67 -15.60 -0.57
N LEU B 304 -23.38 -14.73 -1.54
CA LEU B 304 -23.01 -15.18 -2.87
C LEU B 304 -21.50 -15.07 -3.07
N SER B 305 -20.93 -16.11 -3.67
CA SER B 305 -19.47 -16.19 -3.80
C SER B 305 -18.89 -14.98 -4.54
N GLY B 306 -19.65 -14.45 -5.50
CA GLY B 306 -19.20 -13.35 -6.33
C GLY B 306 -18.85 -12.08 -5.55
N TRP B 307 -19.48 -11.90 -4.40
CA TRP B 307 -19.25 -10.73 -3.56
C TRP B 307 -17.83 -10.68 -3.03
N TRP B 308 -17.20 -11.86 -2.94
CA TRP B 308 -15.90 -11.95 -2.31
C TRP B 308 -14.79 -12.11 -3.35
N ALA B 309 -15.07 -11.63 -4.57
CA ALA B 309 -14.15 -11.79 -5.67
C ALA B 309 -12.81 -11.09 -5.44
N GLY B 310 -12.79 -10.09 -4.57
CA GLY B 310 -11.56 -9.33 -4.44
C GLY B 310 -10.80 -9.57 -3.17
N VAL B 311 -11.17 -10.60 -2.40
CA VAL B 311 -10.55 -10.75 -1.10
C VAL B 311 -9.03 -10.91 -1.24
N ASP B 312 -8.57 -11.51 -2.32
CA ASP B 312 -7.14 -11.74 -2.51
C ASP B 312 -6.38 -10.44 -2.67
N GLU B 313 -7.04 -9.39 -3.16
CA GLU B 313 -6.33 -8.12 -3.24
C GLU B 313 -6.76 -7.15 -2.14
N GLY B 314 -7.37 -7.68 -1.08
CA GLY B 314 -7.61 -6.89 0.11
C GLY B 314 -9.02 -6.32 0.21
N ARG B 315 -9.87 -6.66 -0.75
CA ARG B 315 -11.25 -6.22 -0.65
C ARG B 315 -12.01 -7.29 0.11
N THR B 316 -11.86 -7.25 1.42
CA THR B 316 -12.24 -8.37 2.28
C THR B 316 -13.54 -8.12 3.02
N GLU B 317 -13.90 -6.85 3.20
CA GLU B 317 -15.16 -6.53 3.86
C GLU B 317 -16.31 -6.70 2.84
N SER B 318 -15.97 -6.45 1.58
CA SER B 318 -16.94 -6.41 0.47
C SER B 318 -16.08 -6.20 -0.77
N PRO B 319 -16.67 -6.25 -1.97
CA PRO B 319 -15.84 -6.00 -3.15
C PRO B 319 -15.79 -4.52 -3.52
N LEU B 320 -16.47 -3.70 -2.74
CA LEU B 320 -16.72 -2.31 -3.08
C LEU B 320 -15.50 -1.45 -2.84
N GLN B 321 -15.48 -0.30 -3.51
CA GLN B 321 -14.50 0.75 -3.30
C GLN B 321 -15.23 2.07 -3.14
N SER B 322 -14.66 2.97 -2.36
CA SER B 322 -15.14 4.33 -2.23
C SER B 322 -14.85 5.14 -3.49
N PRO B 323 -15.54 6.26 -3.68
CA PRO B 323 -15.21 7.05 -4.88
C PRO B 323 -13.75 7.46 -4.91
N GLN B 324 -13.17 7.71 -3.75
CA GLN B 324 -11.77 8.12 -3.67
C GLN B 324 -10.88 6.98 -4.13
N GLN B 325 -11.23 5.77 -3.73
CA GLN B 325 -10.46 4.61 -4.17
C GLN B 325 -10.58 4.42 -5.69
N TRP B 326 -11.81 4.50 -6.22
CA TRP B 326 -11.96 4.38 -7.67
C TRP B 326 -11.13 5.45 -8.37
N ASN B 327 -11.12 6.65 -7.82
CA ASN B 327 -10.36 7.75 -8.39
C ASN B 327 -8.90 7.39 -8.56
N SER B 328 -8.30 6.81 -7.51
CA SER B 328 -6.89 6.45 -7.58
C SER B 328 -6.67 5.30 -8.53
N LEU B 329 -7.56 4.31 -8.50
CA LEU B 329 -7.44 3.16 -9.39
C LEU B 329 -7.50 3.57 -10.85
N LEU B 330 -8.47 4.43 -11.15
CA LEU B 330 -8.62 4.99 -12.48
C LEU B 330 -7.35 5.68 -12.94
N LYS B 331 -6.82 6.56 -12.11
CA LYS B 331 -5.59 7.26 -12.51
C LYS B 331 -4.43 6.29 -12.78
N GLN B 332 -4.41 5.16 -12.06
CA GLN B 332 -3.33 4.20 -12.22
C GLN B 332 -3.49 3.32 -13.43
N THR B 333 -4.65 3.36 -14.07
CA THR B 333 -4.87 2.44 -15.15
C THR B 333 -5.18 3.20 -16.46
N GLY B 334 -4.68 4.42 -16.57
CA GLY B 334 -4.74 5.16 -17.83
C GLY B 334 -5.94 6.09 -17.99
N PHE B 335 -6.69 6.30 -16.91
CA PHE B 335 -7.82 7.22 -16.94
C PHE B 335 -7.49 8.51 -16.22
N SER B 336 -8.42 9.46 -16.30
CA SER B 336 -8.27 10.76 -15.64
C SER B 336 -8.53 10.71 -14.16
N GLY B 337 -9.17 9.63 -13.70
CA GLY B 337 -9.67 9.60 -12.34
C GLY B 337 -11.15 9.95 -12.40
N VAL B 338 -11.75 10.25 -11.26
CA VAL B 338 -13.16 10.61 -11.24
C VAL B 338 -13.30 12.06 -11.69
N ASP B 339 -13.85 12.26 -12.88
CA ASP B 339 -14.09 13.61 -13.42
C ASP B 339 -15.32 14.20 -12.79
N LEU B 340 -16.26 13.31 -12.49
CA LEU B 340 -17.54 13.72 -11.96
C LEU B 340 -18.14 12.59 -11.15
N ALA B 341 -18.64 12.93 -9.97
CA ALA B 341 -19.34 12.00 -9.11
C ALA B 341 -20.73 12.53 -8.82
N ALA B 342 -21.75 11.74 -9.12
CA ALA B 342 -23.13 12.07 -8.77
C ALA B 342 -23.69 11.01 -7.83
N TYR B 343 -24.12 11.45 -6.66
CA TYR B 343 -24.52 10.57 -5.59
C TYR B 343 -26.01 10.37 -5.53
N ASP B 344 -26.42 9.15 -5.20
CA ASP B 344 -27.82 8.83 -5.16
C ASP B 344 -28.53 9.73 -4.14
N LEU B 345 -27.89 9.92 -2.98
CA LEU B 345 -28.48 10.71 -1.89
C LEU B 345 -27.42 11.58 -1.21
N PRO B 346 -27.85 12.67 -0.54
CA PRO B 346 -26.95 13.36 0.38
C PRO B 346 -27.04 12.71 1.77
N GLY B 347 -26.22 13.16 2.73
CA GLY B 347 -26.34 12.67 4.09
C GLY B 347 -25.85 11.25 4.30
N PRO B 348 -26.12 10.67 5.47
CA PRO B 348 -25.65 9.35 5.92
C PRO B 348 -26.11 8.19 5.04
N GLU B 349 -27.22 8.34 4.34
CA GLU B 349 -27.80 7.23 3.60
C GLU B 349 -27.29 7.11 2.16
N ARG B 350 -26.47 8.07 1.73
CA ARG B 350 -25.74 7.97 0.47
C ARG B 350 -25.06 6.61 0.35
N HIS B 351 -25.25 5.92 -0.76
CA HIS B 351 -24.60 4.62 -0.91
C HIS B 351 -24.30 4.22 -2.36
N SER B 352 -24.67 5.04 -3.34
CA SER B 352 -24.35 4.71 -4.73
C SER B 352 -24.08 5.96 -5.55
N CYS B 353 -23.40 5.77 -6.67
CA CYS B 353 -23.02 6.90 -7.47
C CYS B 353 -22.81 6.51 -8.92
N LEU B 354 -22.86 7.54 -9.75
CA LEU B 354 -22.28 7.52 -11.07
C LEU B 354 -20.93 8.21 -10.98
N LEU B 355 -19.90 7.56 -11.50
CA LEU B 355 -18.61 8.19 -11.62
C LEU B 355 -18.27 8.22 -13.10
N LEU B 356 -17.88 9.38 -13.60
CA LEU B 356 -17.44 9.51 -14.98
C LEU B 356 -15.95 9.74 -14.98
N SER B 357 -15.26 9.07 -15.89
CA SER B 357 -13.82 9.18 -16.03
C SER B 357 -13.51 9.25 -17.51
N THR B 358 -12.34 9.78 -17.84
CA THR B 358 -11.92 9.92 -19.22
C THR B 358 -10.69 9.06 -19.50
N ALA B 359 -10.76 8.24 -20.54
CA ALA B 359 -9.60 7.44 -20.94
C ALA B 359 -8.52 8.32 -21.54
N LEU B 360 -7.30 8.15 -21.05
CA LEU B 360 -6.18 8.93 -21.53
C LEU B 360 -5.27 8.08 -22.39
N SER B 361 -4.73 8.69 -23.42
CA SER B 361 -3.68 8.06 -24.22
C SER B 361 -2.39 8.04 -23.45
N ASN B 362 -1.64 6.96 -23.56
CA ASN B 362 -0.37 6.86 -22.85
C ASN B 362 0.81 7.23 -23.74
N SER B 363 0.53 7.52 -25.01
CA SER B 363 1.55 8.16 -25.84
C SER B 363 1.39 9.66 -25.69
N SER C 12 26.08 14.63 14.42
CA SER C 12 27.12 15.52 14.93
C SER C 12 28.51 14.90 14.76
N LYS C 13 28.62 13.60 15.03
CA LYS C 13 29.82 12.85 14.65
C LYS C 13 29.49 11.87 13.51
N GLN C 14 28.38 12.13 12.82
CA GLN C 14 27.87 11.27 11.75
C GLN C 14 28.90 11.10 10.62
N THR C 15 29.07 9.88 10.11
CA THR C 15 29.80 9.67 8.85
C THR C 15 28.92 9.03 7.78
N VAL C 16 29.18 9.40 6.53
CA VAL C 16 28.52 8.80 5.40
C VAL C 16 29.63 8.47 4.42
N GLY C 17 29.72 7.23 3.99
CA GLY C 17 30.80 6.82 3.11
C GLY C 17 32.18 6.98 3.73
N GLY C 18 32.24 6.98 5.06
CA GLY C 18 33.50 6.97 5.77
C GLY C 18 34.01 8.35 6.13
N VAL C 19 33.31 9.41 5.73
CA VAL C 19 33.73 10.75 6.10
C VAL C 19 32.66 11.43 6.93
N HIS C 20 33.11 12.30 7.83
CA HIS C 20 32.21 13.04 8.69
C HIS C 20 31.40 14.06 7.90
N VAL C 21 30.09 14.06 8.09
CA VAL C 21 29.20 15.02 7.41
C VAL C 21 27.87 15.08 8.14
N THR C 22 27.29 16.27 8.26
CA THR C 22 26.02 16.46 8.96
C THR C 22 25.13 17.32 8.09
N PRO C 23 23.80 17.28 8.33
CA PRO C 23 22.97 18.21 7.56
C PRO C 23 23.40 19.67 7.78
N GLU C 24 23.78 20.03 9.01
CA GLU C 24 24.16 21.42 9.29
C GLU C 24 25.41 21.81 8.53
N MET C 25 26.31 20.86 8.36
CA MET C 25 27.53 21.10 7.63
C MET C 25 27.21 21.59 6.22
N LEU C 26 26.33 20.87 5.54
CA LEU C 26 25.99 21.22 4.18
C LEU C 26 25.03 22.41 4.15
N GLU C 27 24.04 22.43 5.05
CA GLU C 27 23.02 23.47 4.99
C GLU C 27 23.58 24.86 5.31
N SER C 28 24.71 24.92 6.02
CA SER C 28 25.29 26.19 6.45
C SER C 28 26.06 26.89 5.33
N VAL C 29 26.37 26.15 4.28
CA VAL C 29 27.18 26.70 3.18
C VAL C 29 26.47 27.90 2.53
N GLN C 30 27.25 28.93 2.24
CA GLN C 30 26.76 30.13 1.56
C GLN C 30 27.05 29.99 0.08
N ILE C 31 26.09 30.32 -0.77
CA ILE C 31 26.40 30.44 -2.20
C ILE C 31 25.63 31.59 -2.82
N PRO C 32 26.25 32.24 -3.80
CA PRO C 32 25.55 33.33 -4.50
C PRO C 32 24.32 32.82 -5.25
N LEU C 33 23.25 33.59 -5.21
CA LEU C 33 22.06 33.31 -5.99
C LEU C 33 21.75 34.54 -6.82
N GLU C 34 20.97 34.36 -7.88
CA GLU C 34 20.44 35.51 -8.63
C GLU C 34 19.64 36.40 -7.66
N ALA C 35 18.95 35.79 -6.70
CA ALA C 35 18.14 36.51 -5.72
C ALA C 35 18.90 37.64 -5.01
N ASP C 36 20.20 37.42 -4.78
CA ASP C 36 21.08 38.44 -4.20
C ASP C 36 20.99 39.79 -4.93
N LYS C 37 21.07 39.73 -6.26
CA LYS C 37 21.10 40.92 -7.11
C LYS C 37 19.82 41.75 -7.04
N VAL C 38 18.77 41.14 -6.53
CA VAL C 38 17.48 41.81 -6.42
C VAL C 38 17.18 41.98 -4.92
N GLY C 39 18.17 41.65 -4.10
CA GLY C 39 18.07 41.82 -2.66
C GLY C 39 16.92 41.04 -2.02
N MET C 40 16.64 39.86 -2.57
CA MET C 40 15.65 38.95 -1.99
C MET C 40 16.34 37.81 -1.26
N THR C 41 15.79 37.36 -0.15
CA THR C 41 16.25 36.12 0.47
C THR C 41 15.82 34.97 -0.44
N PRO C 42 16.53 33.82 -0.40
CA PRO C 42 16.11 32.74 -1.30
C PRO C 42 14.68 32.29 -1.04
N ALA C 43 14.24 32.30 0.22
CA ALA C 43 12.88 31.93 0.56
C ALA C 43 11.87 32.98 0.06
N GLU C 44 12.27 34.22 0.12
CA GLU C 44 11.44 35.32 -0.35
C GLU C 44 11.20 35.23 -1.86
N LYS C 45 12.29 35.06 -2.62
CA LYS C 45 12.19 34.91 -4.06
C LYS C 45 11.35 33.68 -4.42
N SER C 46 11.69 32.53 -3.83
CA SER C 46 10.95 31.30 -4.10
C SER C 46 9.46 31.52 -3.91
N LYS C 47 9.12 32.28 -2.88
CA LYS C 47 7.73 32.62 -2.57
C LYS C 47 7.10 33.40 -3.71
N LEU C 48 7.84 34.40 -4.18
CA LEU C 48 7.38 35.26 -5.26
C LEU C 48 7.24 34.47 -6.53
N VAL C 49 8.23 33.62 -6.81
CA VAL C 49 8.23 32.74 -7.98
C VAL C 49 6.92 31.97 -8.02
N ASN C 50 6.55 31.38 -6.90
CA ASN C 50 5.34 30.58 -6.89
C ASN C 50 4.05 31.39 -6.88
N ALA C 51 4.09 32.60 -6.32
CA ALA C 51 2.91 33.46 -6.36
C ALA C 51 2.66 33.98 -7.78
N ALA C 52 3.73 34.33 -8.46
CA ALA C 52 3.64 34.75 -9.84
C ALA C 52 3.15 33.59 -10.69
N THR C 53 3.65 32.39 -10.41
CA THR C 53 3.19 31.21 -11.11
C THR C 53 1.69 31.04 -10.92
N ALA C 54 1.24 31.25 -9.68
CA ALA C 54 -0.14 30.98 -9.32
C ALA C 54 -1.10 31.87 -10.10
N VAL C 55 -0.67 33.08 -10.42
CA VAL C 55 -1.49 34.00 -11.20
C VAL C 55 -1.82 33.36 -12.54
N TYR C 56 -0.79 32.87 -13.22
CA TYR C 56 -0.97 32.25 -14.54
C TYR C 56 -1.80 30.97 -14.46
N ILE C 57 -1.57 30.18 -13.42
CA ILE C 57 -2.35 28.96 -13.24
C ILE C 57 -3.81 29.30 -13.11
N ASP C 58 -4.11 30.29 -12.27
CA ASP C 58 -5.48 30.69 -12.03
C ASP C 58 -6.12 31.24 -13.30
N MET C 59 -5.34 32.02 -14.05
CA MET C 59 -5.82 32.56 -15.33
C MET C 59 -6.18 31.40 -16.26
N ALA C 60 -5.31 30.40 -16.33
CA ALA C 60 -5.50 29.29 -17.26
C ALA C 60 -6.71 28.44 -16.85
N VAL C 61 -6.86 28.17 -15.56
CA VAL C 61 -8.00 27.40 -15.10
C VAL C 61 -9.30 28.16 -15.42
N GLU C 62 -9.29 29.46 -15.13
CA GLU C 62 -10.43 30.29 -15.47
C GLU C 62 -10.71 30.31 -16.97
N GLU C 63 -9.67 30.49 -17.77
CA GLU C 63 -9.91 30.53 -19.21
C GLU C 63 -10.46 29.19 -19.74
N MET C 64 -9.87 28.08 -19.30
CA MET C 64 -10.30 26.76 -19.75
C MET C 64 -11.78 26.54 -19.42
N ARG C 65 -12.15 26.92 -18.21
CA ARG C 65 -13.54 26.77 -17.78
C ARG C 65 -14.48 27.77 -18.50
N SER C 66 -14.08 29.04 -18.57
CA SER C 66 -14.90 30.05 -19.25
C SER C 66 -15.20 29.67 -20.69
N ARG C 67 -14.20 29.14 -21.39
CA ARG C 67 -14.37 28.85 -22.81
C ARG C 67 -14.88 27.44 -23.04
N GLY C 68 -15.05 26.66 -21.98
CA GLY C 68 -15.55 25.30 -22.11
C GLY C 68 -14.59 24.38 -22.84
N LEU C 69 -13.31 24.58 -22.59
CA LEU C 69 -12.24 23.81 -23.25
C LEU C 69 -11.88 22.61 -22.40
N ALA C 70 -11.44 21.52 -23.02
CA ALA C 70 -10.87 20.41 -22.26
C ALA C 70 -9.48 20.14 -22.78
N PRO C 71 -8.60 19.60 -21.92
CA PRO C 71 -7.28 19.27 -22.44
C PRO C 71 -7.33 18.10 -23.40
N LYS C 72 -6.31 17.98 -24.23
CA LYS C 72 -6.06 16.76 -24.99
C LYS C 72 -6.05 15.59 -24.01
N ALA C 73 -6.54 14.43 -24.44
CA ALA C 73 -6.76 13.31 -23.55
C ALA C 73 -5.50 12.46 -23.39
N ASP C 74 -4.47 13.06 -22.81
CA ASP C 74 -3.28 12.32 -22.44
C ASP C 74 -2.79 12.80 -21.09
N TYR C 75 -1.49 12.75 -20.86
CA TYR C 75 -0.92 13.09 -19.55
C TYR C 75 -1.27 14.51 -19.16
N ARG C 76 -1.59 15.33 -20.15
CA ARG C 76 -1.91 16.71 -19.89
C ARG C 76 -3.13 16.84 -19.04
N VAL C 77 -4.04 15.87 -19.12
CA VAL C 77 -5.17 15.87 -18.20
C VAL C 77 -4.68 15.81 -16.74
N HIS C 78 -3.60 15.09 -16.48
CA HIS C 78 -3.06 15.04 -15.10
C HIS C 78 -2.55 16.41 -14.67
N TRP C 79 -1.86 17.07 -15.59
CA TRP C 79 -1.40 18.42 -15.38
C TRP C 79 -2.59 19.34 -15.08
N TRP C 80 -3.60 19.26 -15.93
CA TRP C 80 -4.84 20.01 -15.73
C TRP C 80 -5.47 19.77 -14.35
N LYS C 81 -5.52 18.50 -13.90
CA LYS C 81 -6.11 18.20 -12.59
C LYS C 81 -5.37 18.88 -11.44
N VAL C 82 -4.05 18.88 -11.53
CA VAL C 82 -3.26 19.51 -10.46
C VAL C 82 -3.56 21.00 -10.41
N MET C 83 -3.60 21.63 -11.58
CA MET C 83 -3.88 23.05 -11.63
C MET C 83 -5.28 23.31 -11.09
N GLN C 84 -6.23 22.50 -11.51
CA GLN C 84 -7.61 22.64 -11.01
C GLN C 84 -7.65 22.53 -9.50
N ASP C 85 -7.00 21.49 -8.97
CA ASP C 85 -6.99 21.29 -7.52
C ASP C 85 -6.34 22.48 -6.85
N PHE C 86 -5.28 22.99 -7.47
CA PHE C 86 -4.54 24.08 -6.87
C PHE C 86 -5.43 25.31 -6.72
N VAL C 87 -6.36 25.47 -7.65
CA VAL C 87 -7.29 26.58 -7.59
C VAL C 87 -8.48 26.26 -6.69
N ASP C 88 -9.12 25.11 -6.92
CA ASP C 88 -10.36 24.78 -6.20
C ASP C 88 -10.15 24.53 -4.72
N SER C 89 -8.91 24.27 -4.32
CA SER C 89 -8.62 23.96 -2.93
C SER C 89 -8.36 25.25 -2.20
N GLY C 90 -8.35 26.33 -2.96
CA GLY C 90 -8.07 27.64 -2.39
C GLY C 90 -6.59 27.84 -2.17
N GLU C 91 -5.79 26.82 -2.48
CA GLU C 91 -4.35 26.93 -2.31
C GLU C 91 -3.83 28.14 -3.07
N GLY C 92 -4.37 28.35 -4.27
CA GLY C 92 -4.03 29.51 -5.08
C GLY C 92 -4.52 30.83 -4.49
N GLN C 93 -5.74 30.84 -3.96
CA GLN C 93 -6.35 31.97 -3.23
C GLN C 93 -5.37 32.39 -2.16
N ARG C 94 -5.01 31.43 -1.32
CA ARG C 94 -4.08 31.65 -0.23
C ARG C 94 -2.72 32.19 -0.67
N VAL C 95 -2.10 31.52 -1.66
CA VAL C 95 -0.76 31.87 -2.11
C VAL C 95 -0.68 33.32 -2.56
N LEU C 96 -1.70 33.78 -3.25
CA LEU C 96 -1.72 35.14 -3.80
C LEU C 96 -1.73 36.25 -2.72
N GLN C 97 -2.50 36.05 -1.65
CA GLN C 97 -2.64 37.07 -0.61
C GLN C 97 -1.41 37.16 0.29
N GLU C 98 -0.55 36.15 0.26
CA GLU C 98 0.71 36.25 0.98
C GLU C 98 1.83 36.64 0.02
N ASN C 103 -1.36 42.53 -9.03
CA ASN C 103 -1.35 42.11 -10.42
C ASN C 103 -0.82 43.19 -11.37
N GLN C 104 -0.88 44.45 -10.98
CA GLN C 104 -0.23 45.50 -11.78
C GLN C 104 1.28 45.28 -11.70
N GLU C 105 1.72 44.66 -10.60
CA GLU C 105 3.13 44.44 -10.37
C GLU C 105 3.58 43.05 -10.80
N LEU C 106 2.79 42.37 -11.62
CA LEU C 106 3.19 41.04 -12.09
C LEU C 106 4.40 41.18 -12.99
N GLU C 107 4.33 42.11 -13.94
CA GLU C 107 5.43 42.37 -14.85
C GLU C 107 6.69 42.76 -14.09
N ARG C 108 6.50 43.60 -13.07
CA ARG C 108 7.59 44.11 -12.25
C ARG C 108 8.23 42.99 -11.44
N VAL C 109 7.41 42.16 -10.82
CA VAL C 109 7.95 41.03 -10.06
C VAL C 109 8.70 40.07 -10.97
N ILE C 110 8.06 39.65 -12.06
CA ILE C 110 8.67 38.65 -12.93
C ILE C 110 10.03 39.10 -13.45
N ALA C 111 10.15 40.38 -13.80
CA ALA C 111 11.43 40.95 -14.22
C ALA C 111 12.53 40.74 -13.19
N LYS C 112 12.13 40.64 -11.93
CA LYS C 112 13.02 40.48 -10.77
C LYS C 112 13.43 39.02 -10.52
N LEU C 113 12.73 38.09 -11.17
CA LEU C 113 12.79 36.67 -10.77
C LEU C 113 13.79 35.85 -11.59
N GLY C 114 14.59 36.53 -12.41
CA GLY C 114 15.64 35.86 -13.16
C GLY C 114 15.15 34.71 -14.03
N ILE C 115 15.91 33.61 -14.05
CA ILE C 115 15.60 32.46 -14.88
C ILE C 115 14.20 31.93 -14.59
N GLU C 116 13.84 31.86 -13.31
CA GLU C 116 12.49 31.48 -12.93
C GLU C 116 11.46 32.41 -13.53
N GLY C 117 11.73 33.71 -13.46
CA GLY C 117 10.82 34.71 -14.03
C GLY C 117 10.66 34.50 -15.50
N GLU C 118 11.76 34.19 -16.17
CA GLU C 118 11.75 33.90 -17.60
C GLU C 118 10.88 32.67 -17.96
N VAL C 119 10.97 31.64 -17.14
CA VAL C 119 10.18 30.44 -17.36
C VAL C 119 8.71 30.73 -17.23
N ILE C 120 8.37 31.48 -16.18
CA ILE C 120 6.99 31.84 -15.92
C ILE C 120 6.42 32.68 -17.07
N ALA C 121 7.20 33.67 -17.52
CA ALA C 121 6.78 34.56 -18.60
C ALA C 121 6.60 33.77 -19.89
N ARG C 122 7.41 32.75 -20.11
CA ARG C 122 7.26 31.98 -21.33
C ARG C 122 6.13 30.96 -21.23
N MET C 123 6.09 30.18 -20.15
CA MET C 123 5.18 29.04 -20.07
C MET C 123 3.80 29.44 -19.58
N GLY C 124 3.76 30.37 -18.63
CA GLY C 124 2.49 30.74 -18.01
C GLY C 124 1.41 31.16 -18.97
N PRO C 125 1.75 32.01 -19.94
CA PRO C 125 0.68 32.37 -20.89
C PRO C 125 0.41 31.28 -21.90
N GLU C 126 1.25 30.24 -21.95
CA GLU C 126 1.04 29.13 -22.88
C GLU C 126 0.29 27.94 -22.32
N ILE C 127 -0.20 28.03 -21.08
CA ILE C 127 -0.81 26.87 -20.46
C ILE C 127 -1.98 26.35 -21.24
N VAL C 128 -2.90 27.24 -21.60
CA VAL C 128 -4.08 26.81 -22.32
C VAL C 128 -3.68 26.19 -23.65
N ASN C 129 -2.72 26.81 -24.32
CA ASN C 129 -2.27 26.30 -25.61
C ASN C 129 -1.67 24.92 -25.49
N ILE C 130 -0.93 24.69 -24.41
CA ILE C 130 -0.32 23.39 -24.22
C ILE C 130 -1.42 22.39 -23.92
N LEU C 131 -2.32 22.73 -22.99
CA LEU C 131 -3.46 21.84 -22.69
C LEU C 131 -4.24 21.42 -23.91
N THR C 132 -4.48 22.36 -24.83
CA THR C 132 -5.38 22.09 -25.94
C THR C 132 -4.64 21.61 -27.19
N GLY C 133 -3.32 21.50 -27.10
CA GLY C 133 -2.55 20.96 -28.21
C GLY C 133 -2.11 21.96 -29.27
N LYS C 134 -2.15 23.25 -28.95
CA LYS C 134 -1.66 24.27 -29.89
C LYS C 134 -0.18 24.59 -29.75
N THR C 135 0.42 24.19 -28.63
CA THR C 135 1.82 24.45 -28.36
C THR C 135 2.51 23.17 -27.93
N HIS C 136 3.69 22.91 -28.49
CA HIS C 136 4.49 21.76 -28.09
C HIS C 136 5.34 22.19 -26.92
N ALA C 137 4.96 21.75 -25.72
CA ALA C 137 5.61 22.19 -24.48
C ALA C 137 7.12 22.09 -24.53
N LEU C 138 7.61 20.90 -24.86
CA LEU C 138 9.04 20.65 -24.83
C LEU C 138 9.75 21.58 -25.79
N ALA C 139 9.27 21.62 -27.04
CA ALA C 139 9.82 22.55 -28.02
C ALA C 139 9.79 23.96 -27.46
N HIS C 140 8.65 24.34 -26.86
CA HIS C 140 8.48 25.71 -26.37
C HIS C 140 9.49 26.06 -25.29
N ILE C 141 9.68 25.17 -24.32
CA ILE C 141 10.56 25.50 -23.19
C ILE C 141 12.03 25.28 -23.53
N MET C 142 12.31 24.50 -24.57
CA MET C 142 13.70 24.27 -24.97
C MET C 142 14.30 25.40 -25.79
N ARG C 143 13.45 26.26 -26.37
CA ARG C 143 13.95 27.36 -27.17
C ARG C 143 14.83 28.28 -26.33
N ASP C 144 15.96 28.67 -26.90
CA ASP C 144 16.98 29.46 -26.21
C ASP C 144 17.52 28.74 -24.98
N ASP C 145 17.53 27.41 -25.03
CA ASP C 145 18.04 26.56 -23.95
C ASP C 145 17.46 26.88 -22.59
N LEU C 146 16.24 27.39 -22.58
CA LEU C 146 15.63 27.82 -21.33
C LEU C 146 15.48 26.64 -20.36
N LEU C 147 14.97 25.51 -20.85
CA LEU C 147 14.83 24.32 -20.01
C LEU C 147 16.16 23.92 -19.37
N PHE C 148 17.24 23.99 -20.13
CA PHE C 148 18.56 23.65 -19.61
C PHE C 148 18.99 24.65 -18.55
N ARG C 149 18.64 25.91 -18.76
CA ARG C 149 18.99 26.95 -17.80
C ARG C 149 18.15 26.87 -16.51
N VAL C 150 16.96 26.29 -16.60
CA VAL C 150 16.11 26.10 -15.42
C VAL C 150 16.83 25.24 -14.37
N TYR C 151 17.65 24.31 -14.85
CA TYR C 151 18.41 23.43 -13.96
C TYR C 151 19.51 24.18 -13.21
N LEU C 152 19.92 25.32 -13.76
CA LEU C 152 20.98 26.11 -13.15
C LEU C 152 20.42 27.22 -12.25
N SER C 153 19.12 27.39 -12.31
CA SER C 153 18.46 28.49 -11.60
C SER C 153 18.55 28.34 -10.07
N ASP C 154 18.32 29.45 -9.36
CA ASP C 154 18.36 29.49 -7.89
C ASP C 154 17.59 28.35 -7.22
N GLU C 155 16.46 28.00 -7.81
CA GLU C 155 15.52 27.07 -7.19
C GLU C 155 16.17 25.70 -6.92
N GLY C 156 17.20 25.35 -7.69
CA GLY C 156 17.89 24.08 -7.53
C GLY C 156 19.38 24.16 -7.24
N ARG C 157 19.87 25.35 -6.92
CA ARG C 157 21.32 25.53 -6.82
C ARG C 157 21.93 25.07 -5.49
N ARG C 158 21.20 25.27 -4.40
CA ARG C 158 21.72 24.92 -3.08
C ARG C 158 21.89 23.39 -2.93
N ALA C 159 20.89 22.63 -3.38
CA ALA C 159 20.95 21.16 -3.28
C ALA C 159 22.10 20.63 -4.13
N ASN C 160 22.34 21.26 -5.28
CA ASN C 160 23.49 20.90 -6.11
C ASN C 160 24.82 21.19 -5.43
N ARG C 161 24.88 22.32 -4.73
CA ARG C 161 26.07 22.66 -3.97
C ARG C 161 26.26 21.62 -2.86
N TYR C 162 25.16 21.23 -2.21
CA TYR C 162 25.22 20.21 -1.15
C TYR C 162 25.90 18.95 -1.68
N MET C 163 25.43 18.48 -2.83
CA MET C 163 26.02 17.30 -3.46
C MET C 163 27.49 17.52 -3.71
N ALA C 164 27.83 18.69 -4.24
CA ALA C 164 29.22 19.02 -4.52
C ALA C 164 30.05 18.99 -3.24
N GLU C 165 29.52 19.58 -2.18
CA GLU C 165 30.21 19.59 -0.90
C GLU C 165 30.45 18.19 -0.37
N TYR C 166 29.45 17.32 -0.48
CA TYR C 166 29.68 15.97 0.03
C TYR C 166 30.74 15.28 -0.81
N ALA C 167 30.64 15.42 -2.12
CA ALA C 167 31.64 14.84 -3.01
C ALA C 167 33.06 15.37 -2.69
N ARG C 168 33.15 16.63 -2.26
CA ARG C 168 34.45 17.18 -1.88
C ARG C 168 34.96 16.54 -0.60
N LEU C 169 34.08 16.40 0.39
CA LEU C 169 34.45 15.75 1.64
C LEU C 169 34.95 14.34 1.39
N LEU C 170 34.28 13.63 0.47
CA LEU C 170 34.61 12.24 0.19
C LEU C 170 35.93 12.13 -0.56
N THR C 171 36.05 12.83 -1.67
CA THR C 171 37.22 12.64 -2.53
C THR C 171 38.47 13.20 -1.85
N SER C 172 38.31 14.25 -1.06
CA SER C 172 39.45 14.85 -0.40
C SER C 172 39.94 13.96 0.75
N GLN C 173 39.04 13.19 1.36
CA GLN C 173 39.43 12.35 2.50
C GLN C 173 39.66 10.89 2.13
N ARG C 174 39.26 10.50 0.93
CA ARG C 174 39.43 9.12 0.52
C ARG C 174 39.99 9.07 -0.89
N ARG C 175 40.87 8.10 -1.12
CA ARG C 175 41.61 8.04 -2.36
C ARG C 175 40.95 7.08 -3.34
N ASP C 176 41.08 7.39 -4.62
CA ASP C 176 40.65 6.47 -5.68
C ASP C 176 39.15 6.20 -5.69
N ILE C 177 38.37 7.12 -5.14
CA ILE C 177 36.90 7.09 -5.26
C ILE C 177 36.45 6.99 -6.71
N ARG C 178 35.58 6.02 -7.00
CA ARG C 178 34.92 5.95 -8.30
C ARG C 178 33.52 6.55 -8.25
N ILE C 179 33.29 7.53 -9.11
CA ILE C 179 32.04 8.27 -9.16
C ILE C 179 31.30 8.00 -10.45
N LEU C 180 30.00 7.76 -10.38
CA LEU C 180 29.16 7.80 -11.57
C LEU C 180 27.98 8.75 -11.37
N GLU C 181 27.74 9.61 -12.35
CA GLU C 181 26.56 10.46 -12.34
C GLU C 181 25.53 9.98 -13.34
N ILE C 182 24.32 9.77 -12.86
CA ILE C 182 23.16 9.41 -13.66
C ILE C 182 22.45 10.67 -14.13
N GLY C 183 21.99 10.68 -15.38
CA GLY C 183 21.27 11.83 -15.93
C GLY C 183 22.03 13.12 -15.75
N ALA C 184 23.32 13.10 -16.08
CA ALA C 184 24.17 14.27 -15.90
C ALA C 184 23.73 15.43 -16.79
N GLY C 185 23.01 15.12 -17.86
CA GLY C 185 22.49 16.14 -18.76
C GLY C 185 23.60 17.00 -19.31
N THR C 186 23.43 18.30 -19.21
CA THR C 186 24.42 19.27 -19.70
C THR C 186 25.50 19.57 -18.66
N GLY C 187 25.43 18.90 -17.52
CA GLY C 187 26.49 18.95 -16.52
C GLY C 187 26.41 20.04 -15.46
N GLY C 188 25.21 20.51 -15.14
CA GLY C 188 25.06 21.54 -14.13
C GLY C 188 25.48 21.10 -12.73
N THR C 189 25.04 19.90 -12.34
CA THR C 189 25.47 19.32 -11.08
C THR C 189 26.95 18.98 -11.17
N THR C 190 27.31 18.36 -12.29
CA THR C 190 28.68 17.94 -12.57
C THR C 190 29.67 19.11 -12.43
N SER C 191 29.27 20.26 -12.94
CA SER C 191 30.10 21.45 -12.89
C SER C 191 30.34 21.90 -11.44
N GLU C 192 29.26 21.95 -10.65
CA GLU C 192 29.40 22.26 -9.24
C GLU C 192 30.31 21.26 -8.55
N VAL C 193 30.17 19.99 -8.95
CA VAL C 193 30.93 18.94 -8.28
C VAL C 193 32.40 19.06 -8.64
N LEU C 194 32.70 19.10 -9.92
CA LEU C 194 34.06 19.22 -10.40
C LEU C 194 34.76 20.49 -9.89
N ASN C 195 34.10 21.63 -10.01
CA ASN C 195 34.70 22.89 -9.56
C ASN C 195 35.05 22.89 -8.07
N LEU C 196 34.29 22.12 -7.29
CA LEU C 196 34.53 22.03 -5.84
C LEU C 196 35.57 20.98 -5.48
N CYS C 197 35.49 19.81 -6.11
CA CYS C 197 36.40 18.71 -5.84
C CYS C 197 37.76 18.93 -6.48
N SER C 198 37.76 19.71 -7.55
CA SER C 198 38.95 19.91 -8.36
C SER C 198 38.94 21.29 -9.01
N PRO C 199 39.16 22.34 -8.19
CA PRO C 199 39.12 23.72 -8.69
C PRO C 199 40.14 23.97 -9.79
N ASN C 200 41.15 23.12 -9.90
CA ASN C 200 42.28 23.33 -10.81
C ASN C 200 42.60 22.14 -11.70
N GLY C 201 41.78 21.11 -11.66
CA GLY C 201 42.05 19.91 -12.45
C GLY C 201 42.95 18.86 -11.82
N GLU C 202 43.05 18.86 -10.49
CA GLU C 202 43.84 17.85 -9.79
C GLU C 202 43.14 16.51 -9.93
N SER C 203 43.92 15.43 -9.83
CA SER C 203 43.32 14.12 -9.80
C SER C 203 42.66 14.03 -8.44
N PHE C 204 41.35 13.84 -8.42
CA PHE C 204 40.61 13.79 -7.16
C PHE C 204 39.91 12.46 -6.97
N CYS C 205 39.88 11.65 -8.01
CA CYS C 205 39.14 10.40 -7.98
C CYS C 205 39.70 9.44 -9.02
N ALA C 206 39.35 8.16 -8.89
CA ALA C 206 39.80 7.14 -9.83
C ALA C 206 38.99 7.15 -11.11
N GLU C 207 37.79 7.73 -11.05
CA GLU C 207 36.87 7.73 -12.17
C GLU C 207 35.70 8.67 -11.92
N TYR C 208 35.37 9.49 -12.91
CA TYR C 208 34.09 10.16 -12.91
C TYR C 208 33.35 9.77 -14.17
N MET C 209 32.41 8.86 -14.02
CA MET C 209 31.63 8.37 -15.12
C MET C 209 30.40 9.27 -15.35
N TYR C 210 30.46 10.06 -16.43
CA TYR C 210 29.40 10.97 -16.84
C TYR C 210 28.43 10.21 -17.71
N THR C 211 27.20 10.04 -17.23
CA THR C 211 26.23 9.28 -18.00
C THR C 211 24.96 10.07 -18.20
N ASP C 212 24.24 9.70 -19.25
CA ASP C 212 22.90 10.24 -19.48
C ASP C 212 22.20 9.31 -20.44
N LEU C 213 20.88 9.41 -20.47
CA LEU C 213 20.02 8.61 -21.34
C LEU C 213 20.38 8.80 -22.80
N SER C 214 20.84 10.01 -23.14
CA SER C 214 21.13 10.35 -24.52
C SER C 214 22.54 10.91 -24.68
N PRO C 215 23.30 10.34 -25.63
CA PRO C 215 24.69 10.76 -25.88
C PRO C 215 24.80 12.17 -26.45
N GLY C 216 23.68 12.75 -26.87
CA GLY C 216 23.67 14.07 -27.49
C GLY C 216 24.28 15.17 -26.64
N PHE C 217 24.18 15.02 -25.33
CA PHE C 217 24.76 15.98 -24.38
C PHE C 217 26.27 15.94 -24.40
N PHE C 218 26.83 14.80 -24.78
CA PHE C 218 28.23 14.52 -24.48
C PHE C 218 29.26 15.50 -25.09
N ASN C 219 29.17 15.92 -26.34
CA ASN C 219 30.32 16.73 -26.79
C ASN C 219 30.17 18.12 -26.17
N ALA C 220 28.93 18.61 -26.08
CA ALA C 220 28.73 19.90 -25.41
C ALA C 220 29.24 19.83 -23.98
N ALA C 221 29.02 18.68 -23.35
CA ALA C 221 29.56 18.42 -22.02
C ALA C 221 31.09 18.43 -22.02
N LYS C 222 31.69 17.76 -22.99
CA LYS C 222 33.15 17.71 -23.09
C LYS C 222 33.74 19.12 -23.21
N THR C 223 33.06 19.99 -23.97
CA THR C 223 33.53 21.37 -24.13
C THR C 223 33.23 22.18 -22.87
N THR C 224 32.00 22.11 -22.36
CA THR C 224 31.66 22.87 -21.16
C THR C 224 32.53 22.44 -19.97
N LEU C 225 33.03 21.21 -19.99
CA LEU C 225 33.82 20.69 -18.89
C LEU C 225 35.25 20.28 -19.31
N LYS C 226 35.88 21.10 -20.16
CA LYS C 226 37.22 20.79 -20.70
C LYS C 226 38.26 20.61 -19.63
N LYS C 227 38.24 21.53 -18.67
CA LYS C 227 39.18 21.60 -17.58
C LYS C 227 39.40 20.26 -16.87
N TRP C 228 38.44 19.34 -17.02
CA TRP C 228 38.47 18.07 -16.30
C TRP C 228 38.32 16.79 -17.14
N GLU C 229 38.47 16.85 -18.46
CA GLU C 229 38.21 15.65 -19.26
C GLU C 229 39.35 14.59 -19.17
N SER C 230 40.48 14.96 -18.61
CA SER C 230 41.46 13.94 -18.24
C SER C 230 40.83 13.00 -17.20
N HIS C 231 39.91 13.58 -16.43
CA HIS C 231 39.28 12.89 -15.32
C HIS C 231 37.97 12.20 -15.72
N LEU C 232 37.32 12.69 -16.77
CA LEU C 232 35.98 12.22 -17.12
C LEU C 232 35.92 11.05 -18.10
N ALA C 233 34.94 10.19 -17.90
CA ALA C 233 34.54 9.21 -18.90
C ALA C 233 33.07 9.48 -19.23
N PHE C 234 32.65 9.08 -20.43
CA PHE C 234 31.32 9.40 -20.95
C PHE C 234 30.64 8.15 -21.51
N GLN C 235 29.45 7.86 -21.03
CA GLN C 235 28.79 6.63 -21.45
C GLN C 235 27.33 6.73 -21.19
N VAL C 236 26.55 6.20 -22.11
CA VAL C 236 25.10 6.22 -22.04
C VAL C 236 24.59 5.28 -20.97
N LEU C 237 23.62 5.75 -20.19
CA LEU C 237 22.99 4.92 -19.17
C LEU C 237 21.52 5.26 -19.07
N ASN C 238 20.71 4.25 -19.34
CA ASN C 238 19.30 4.29 -19.07
C ASN C 238 19.11 3.57 -17.74
N ILE C 239 18.99 4.32 -16.66
CA ILE C 239 18.89 3.74 -15.33
C ILE C 239 17.66 2.84 -15.15
N GLU C 240 16.68 2.93 -16.06
CA GLU C 240 15.54 2.05 -15.90
C GLU C 240 15.85 0.64 -16.42
N ASP C 241 16.98 0.48 -17.09
CA ASP C 241 17.40 -0.84 -17.59
C ASP C 241 18.67 -1.31 -16.91
N ASP C 242 18.92 -2.61 -16.95
CA ASP C 242 20.09 -3.21 -16.31
C ASP C 242 21.38 -2.55 -16.75
N PRO C 243 22.14 -2.01 -15.79
CA PRO C 243 23.39 -1.32 -16.11
C PRO C 243 24.49 -2.23 -16.71
N ALA C 244 24.56 -3.49 -16.28
CA ALA C 244 25.58 -4.40 -16.82
C ALA C 244 25.42 -4.54 -18.32
N GLY C 245 24.20 -4.83 -18.77
CA GLY C 245 23.91 -4.87 -20.20
C GLY C 245 24.22 -3.60 -20.98
N GLN C 246 24.56 -2.52 -20.29
CA GLN C 246 24.87 -1.24 -20.93
C GLN C 246 26.35 -0.95 -20.80
N GLY C 247 27.09 -1.98 -20.40
CA GLY C 247 28.54 -1.90 -20.41
C GLY C 247 29.17 -1.35 -19.15
N PHE C 248 28.40 -1.30 -18.06
CA PHE C 248 28.96 -0.84 -16.79
C PHE C 248 29.35 -2.02 -15.92
N LYS C 249 30.38 -1.84 -15.11
CA LYS C 249 30.84 -2.89 -14.23
C LYS C 249 30.08 -2.78 -12.90
N GLU C 250 29.27 -3.79 -12.62
CA GLU C 250 28.45 -3.83 -11.41
C GLU C 250 29.30 -3.72 -10.16
N HIS C 251 28.73 -3.07 -9.15
CA HIS C 251 29.33 -2.94 -7.83
C HIS C 251 30.75 -2.40 -7.84
N THR C 252 31.05 -1.45 -8.72
CA THR C 252 32.40 -0.89 -8.74
C THR C 252 32.44 0.55 -8.26
N TYR C 253 31.28 1.20 -8.15
CA TYR C 253 31.29 2.62 -7.80
C TYR C 253 31.15 2.88 -6.32
N ASP C 254 31.84 3.94 -5.88
CA ASP C 254 31.80 4.37 -4.49
C ASP C 254 30.77 5.46 -4.27
N LEU C 255 30.48 6.20 -5.32
CA LEU C 255 29.56 7.31 -5.22
C LEU C 255 28.76 7.38 -6.49
N ILE C 256 27.44 7.38 -6.36
CA ILE C 256 26.59 7.62 -7.52
C ILE C 256 25.86 8.92 -7.24
N ILE C 257 25.84 9.79 -8.24
CA ILE C 257 25.21 11.10 -8.13
C ILE C 257 24.01 11.07 -9.05
N ALA C 258 22.85 11.43 -8.54
CA ALA C 258 21.66 11.47 -9.38
C ALA C 258 20.85 12.69 -9.02
N ALA C 259 20.99 13.74 -9.82
CA ALA C 259 20.32 15.01 -9.52
C ALA C 259 19.05 15.16 -10.34
N ASN C 260 17.92 15.18 -9.64
CA ASN C 260 16.59 15.24 -10.23
C ASN C 260 16.40 14.47 -11.53
N VAL C 261 16.75 13.19 -11.46
CA VAL C 261 16.55 12.28 -12.57
C VAL C 261 15.75 11.05 -12.10
N ILE C 262 16.02 10.57 -10.88
CA ILE C 262 15.42 9.31 -10.45
C ILE C 262 13.89 9.37 -10.46
N HIS C 263 13.32 10.51 -10.09
CA HIS C 263 11.85 10.62 -10.10
C HIS C 263 11.28 10.52 -11.51
N ALA C 264 12.08 10.86 -12.52
CA ALA C 264 11.59 10.83 -13.90
C ALA C 264 11.70 9.43 -14.51
N THR C 265 11.58 8.40 -13.67
CA THR C 265 11.51 7.06 -14.20
C THR C 265 10.13 6.52 -13.86
N ALA C 266 9.82 5.34 -14.38
CA ALA C 266 8.45 4.82 -14.31
C ALA C 266 8.17 4.06 -13.04
N ARG C 267 9.15 3.29 -12.60
CA ARG C 267 8.98 2.39 -11.46
C ARG C 267 10.15 2.63 -10.51
N LEU C 268 9.93 3.39 -9.45
CA LEU C 268 11.05 3.84 -8.63
C LEU C 268 11.82 2.67 -8.01
N THR C 269 11.12 1.60 -7.62
CA THR C 269 11.84 0.45 -7.04
C THR C 269 12.71 -0.22 -8.10
N ASN C 270 12.26 -0.23 -9.35
CA ASN C 270 13.10 -0.75 -10.45
C ASN C 270 14.33 0.13 -10.66
N THR C 271 14.09 1.43 -10.75
CA THR C 271 15.19 2.37 -10.90
C THR C 271 16.22 2.23 -9.77
N LEU C 272 15.73 2.28 -8.54
CA LEU C 272 16.62 2.20 -7.39
C LEU C 272 17.39 0.87 -7.36
N SER C 273 16.76 -0.20 -7.78
CA SER C 273 17.47 -1.49 -7.82
C SER C 273 18.61 -1.48 -8.84
N ASN C 274 18.41 -0.73 -9.92
CA ASN C 274 19.48 -0.59 -10.90
C ASN C 274 20.62 0.27 -10.39
N VAL C 275 20.29 1.28 -9.59
CA VAL C 275 21.34 2.08 -8.98
C VAL C 275 22.18 1.20 -8.05
N HIS C 276 21.47 0.36 -7.31
CA HIS C 276 22.08 -0.53 -6.35
C HIS C 276 23.10 -1.43 -7.03
N LYS C 277 22.76 -1.91 -8.23
CA LYS C 277 23.64 -2.80 -8.99
C LYS C 277 24.98 -2.16 -9.33
N LEU C 278 25.03 -0.83 -9.34
CA LEU C 278 26.27 -0.12 -9.71
C LEU C 278 27.20 0.14 -8.53
N LEU C 279 26.64 0.14 -7.32
CA LEU C 279 27.40 0.55 -6.16
C LEU C 279 28.02 -0.64 -5.47
N LYS C 280 29.25 -0.48 -5.02
CA LYS C 280 29.78 -1.50 -4.15
C LYS C 280 29.06 -1.35 -2.82
N PRO C 281 28.91 -2.46 -2.09
CA PRO C 281 28.40 -2.38 -0.72
C PRO C 281 29.14 -1.31 0.08
N GLY C 282 28.41 -0.47 0.79
CA GLY C 282 29.03 0.65 1.47
C GLY C 282 29.21 1.85 0.57
N GLY C 283 29.02 1.66 -0.74
CA GLY C 283 28.97 2.78 -1.66
C GLY C 283 27.83 3.74 -1.33
N VAL C 284 28.01 5.01 -1.67
CA VAL C 284 27.04 6.06 -1.33
C VAL C 284 26.22 6.47 -2.53
N PHE C 285 24.93 6.59 -2.31
CA PHE C 285 24.02 7.14 -3.31
C PHE C 285 23.71 8.60 -2.95
N GLY C 286 24.12 9.53 -3.82
CA GLY C 286 23.78 10.93 -3.69
C GLY C 286 22.57 11.28 -4.52
N LEU C 287 21.44 11.44 -3.84
CA LEU C 287 20.17 11.66 -4.50
C LEU C 287 19.73 13.08 -4.29
N VAL C 288 19.77 13.88 -5.35
CA VAL C 288 19.32 15.26 -5.28
C VAL C 288 17.93 15.31 -5.87
N GLU C 289 16.96 15.70 -5.04
CA GLU C 289 15.55 15.60 -5.40
C GLU C 289 14.74 16.72 -4.80
N LEU C 290 13.70 17.14 -5.51
CA LEU C 290 12.67 18.01 -4.91
C LEU C 290 11.98 17.31 -3.75
N THR C 291 11.61 18.06 -2.72
CA THR C 291 10.95 17.43 -1.56
C THR C 291 9.45 17.43 -1.71
N ARG C 292 8.95 18.38 -2.49
CA ARG C 292 7.52 18.50 -2.65
C ARG C 292 7.23 19.25 -3.92
N LEU C 293 5.97 19.15 -4.34
CA LEU C 293 5.50 19.85 -5.50
C LEU C 293 5.27 21.31 -5.14
N THR C 294 5.73 22.22 -5.98
CA THR C 294 5.34 23.62 -5.86
C THR C 294 4.66 24.04 -7.16
N PRO C 295 3.90 25.14 -7.15
CA PRO C 295 3.29 25.62 -8.39
C PRO C 295 4.31 25.82 -9.51
N PHE C 296 5.46 26.41 -9.21
CA PHE C 296 6.49 26.61 -10.23
C PHE C 296 6.91 25.30 -10.92
N TYR C 297 7.15 24.24 -10.15
CA TYR C 297 7.52 22.97 -10.78
C TYR C 297 6.39 22.36 -11.58
N ASN C 298 5.17 22.49 -11.08
CA ASN C 298 4.05 21.98 -11.85
C ASN C 298 3.95 22.74 -13.19
N LEU C 299 4.14 24.05 -13.13
CA LEU C 299 4.11 24.85 -14.36
C LEU C 299 5.24 24.45 -15.30
N THR C 300 6.44 24.40 -14.76
CA THR C 300 7.64 24.26 -15.56
C THR C 300 7.79 22.85 -16.14
N PHE C 301 7.57 21.83 -15.31
CA PHE C 301 7.83 20.47 -15.75
C PHE C 301 6.57 19.67 -15.99
N GLY C 302 5.46 20.11 -15.40
CA GLY C 302 4.20 19.38 -15.53
C GLY C 302 3.66 19.35 -16.95
N SER C 303 4.12 20.29 -17.78
CA SER C 303 3.70 20.33 -19.17
C SER C 303 4.38 19.26 -20.00
N LEU C 304 5.36 18.59 -19.39
CA LEU C 304 6.21 17.64 -20.10
C LEU C 304 5.87 16.20 -19.73
N SER C 305 5.84 15.33 -20.73
CA SER C 305 5.33 13.96 -20.54
C SER C 305 6.13 13.18 -19.49
N GLY C 306 7.41 13.47 -19.37
CA GLY C 306 8.28 12.76 -18.44
C GLY C 306 7.87 12.91 -16.98
N TRP C 307 7.16 13.99 -16.68
CA TRP C 307 6.71 14.31 -15.33
C TRP C 307 5.67 13.32 -14.84
N TRP C 308 5.01 12.66 -15.79
CA TRP C 308 3.91 11.76 -15.46
C TRP C 308 4.31 10.30 -15.61
N ALA C 309 5.62 10.05 -15.62
CA ALA C 309 6.16 8.72 -15.82
C ALA C 309 5.68 7.71 -14.78
N GLY C 310 5.33 8.20 -13.59
CA GLY C 310 5.00 7.32 -12.47
C GLY C 310 3.52 7.21 -12.15
N VAL C 311 2.65 7.71 -13.03
CA VAL C 311 1.22 7.66 -12.70
C VAL C 311 0.75 6.21 -12.55
N ASP C 312 1.32 5.30 -13.33
CA ASP C 312 0.89 3.90 -13.25
C ASP C 312 1.14 3.30 -11.85
N GLU C 313 2.12 3.85 -11.13
CA GLU C 313 2.36 3.33 -9.78
C GLU C 313 1.90 4.32 -8.72
N GLY C 314 0.97 5.20 -9.07
CA GLY C 314 0.38 6.06 -8.08
C GLY C 314 1.00 7.43 -7.91
N ARG C 315 2.02 7.75 -8.70
CA ARG C 315 2.58 9.08 -8.59
C ARG C 315 1.84 9.94 -9.59
N THR C 316 0.65 10.38 -9.20
CA THR C 316 -0.28 11.00 -10.13
C THR C 316 -0.37 12.51 -10.03
N GLU C 317 0.04 13.07 -8.90
CA GLU C 317 0.08 14.51 -8.75
C GLU C 317 1.35 15.09 -9.39
N SER C 318 2.39 14.28 -9.40
CA SER C 318 3.74 14.64 -9.86
C SER C 318 4.56 13.35 -9.70
N PRO C 319 5.81 13.32 -10.19
CA PRO C 319 6.59 12.09 -10.04
C PRO C 319 7.41 12.10 -8.73
N LEU C 320 7.24 13.15 -7.95
CA LEU C 320 8.09 13.40 -6.81
C LEU C 320 7.72 12.53 -5.62
N GLN C 321 8.68 12.39 -4.71
CA GLN C 321 8.48 11.74 -3.42
C GLN C 321 9.07 12.60 -2.32
N SER C 322 8.46 12.54 -1.14
CA SER C 322 8.99 13.21 0.04
C SER C 322 10.26 12.48 0.52
N PRO C 323 11.08 13.14 1.34
CA PRO C 323 12.26 12.46 1.89
C PRO C 323 11.89 11.19 2.63
N GLN C 324 10.75 11.19 3.31
CA GLN C 324 10.29 10.01 4.04
C GLN C 324 9.97 8.87 3.09
N GLN C 325 9.35 9.20 1.96
CA GLN C 325 9.05 8.18 0.97
C GLN C 325 10.34 7.63 0.37
N TRP C 326 11.29 8.51 0.02
CA TRP C 326 12.55 8.03 -0.52
C TRP C 326 13.23 7.10 0.48
N ASN C 327 13.18 7.48 1.76
CA ASN C 327 13.73 6.66 2.83
C ASN C 327 13.21 5.22 2.78
N SER C 328 11.90 5.06 2.66
CA SER C 328 11.32 3.72 2.62
C SER C 328 11.71 3.00 1.35
N LEU C 329 11.66 3.71 0.22
CA LEU C 329 11.99 3.10 -1.08
C LEU C 329 13.43 2.62 -1.09
N LEU C 330 14.32 3.46 -0.53
CA LEU C 330 15.72 3.10 -0.42
C LEU C 330 15.87 1.83 0.41
N LYS C 331 15.23 1.79 1.56
CA LYS C 331 15.33 0.58 2.38
C LYS C 331 14.81 -0.66 1.66
N GLN C 332 13.75 -0.50 0.85
CA GLN C 332 13.16 -1.63 0.15
C GLN C 332 14.03 -2.08 -1.02
N THR C 333 14.97 -1.26 -1.43
CA THR C 333 15.72 -1.61 -2.64
C THR C 333 17.20 -1.86 -2.37
N GLY C 334 17.52 -2.19 -1.13
CA GLY C 334 18.87 -2.61 -0.80
C GLY C 334 19.78 -1.52 -0.27
N PHE C 335 19.20 -0.37 0.07
CA PHE C 335 19.97 0.72 0.69
C PHE C 335 19.64 0.85 2.16
N SER C 336 20.38 1.74 2.83
CA SER C 336 20.21 2.01 4.25
C SER C 336 19.01 2.90 4.52
N GLY C 337 18.50 3.53 3.46
CA GLY C 337 17.49 4.56 3.58
C GLY C 337 18.20 5.91 3.54
N VAL C 338 17.53 6.96 4.00
CA VAL C 338 18.17 8.26 4.03
C VAL C 338 19.07 8.39 5.25
N ASP C 339 20.38 8.42 5.03
CA ASP C 339 21.35 8.55 6.11
C ASP C 339 21.46 9.99 6.46
N LEU C 340 21.29 10.85 5.47
CA LEU C 340 21.49 12.26 5.70
C LEU C 340 20.62 13.01 4.71
N ALA C 341 19.93 14.02 5.22
CA ALA C 341 19.14 14.91 4.39
C ALA C 341 19.57 16.33 4.64
N ALA C 342 19.92 17.04 3.57
CA ALA C 342 20.27 18.45 3.65
C ALA C 342 19.29 19.22 2.78
N TYR C 343 18.56 20.15 3.40
CA TYR C 343 17.49 20.87 2.71
C TYR C 343 17.90 22.24 2.22
N ASP C 344 17.34 22.64 1.07
CA ASP C 344 17.77 23.88 0.47
C ASP C 344 17.45 25.05 1.40
N LEU C 345 16.25 25.03 1.96
CA LEU C 345 15.75 26.11 2.80
C LEU C 345 15.01 25.58 4.03
N PRO C 346 14.98 26.39 5.10
CA PRO C 346 14.06 26.07 6.19
C PRO C 346 12.66 26.55 5.85
N GLY C 347 11.68 26.19 6.67
CA GLY C 347 10.37 26.81 6.57
C GLY C 347 9.51 26.36 5.41
N PRO C 348 8.47 27.15 5.08
CA PRO C 348 7.45 26.73 4.11
C PRO C 348 7.95 26.67 2.67
N GLU C 349 9.06 27.34 2.37
CA GLU C 349 9.53 27.42 0.99
C GLU C 349 10.49 26.27 0.66
N ARG C 350 10.86 25.50 1.68
CA ARG C 350 11.69 24.32 1.49
C ARG C 350 11.14 23.45 0.37
N HIS C 351 11.96 23.11 -0.62
CA HIS C 351 11.42 22.36 -1.76
C HIS C 351 12.43 21.44 -2.43
N SER C 352 13.71 21.49 -2.03
CA SER C 352 14.70 20.56 -2.58
C SER C 352 15.70 20.06 -1.53
N CYS C 353 16.37 18.96 -1.85
CA CYS C 353 17.30 18.37 -0.90
C CYS C 353 18.33 17.49 -1.55
N LEU C 354 19.43 17.33 -0.81
CA LEU C 354 20.35 16.24 -0.99
C LEU C 354 19.99 15.13 -0.02
N LEU C 355 19.88 13.93 -0.54
CA LEU C 355 19.74 12.74 0.31
C LEU C 355 20.90 11.79 0.08
N LEU C 356 21.56 11.40 1.15
CA LEU C 356 22.62 10.42 1.04
C LEU C 356 22.18 9.07 1.60
N SER C 357 22.47 8.03 0.86
CA SER C 357 22.09 6.69 1.29
C SER C 357 23.27 5.76 1.07
N THR C 358 23.30 4.66 1.80
CA THR C 358 24.39 3.70 1.67
C THR C 358 23.84 2.44 1.03
N ALA C 359 24.53 1.94 0.00
CA ALA C 359 24.19 0.65 -0.55
C ALA C 359 24.63 -0.48 0.39
N LEU C 360 23.73 -1.43 0.59
CA LEU C 360 23.93 -2.57 1.48
C LEU C 360 24.03 -3.86 0.68
N SER C 361 24.91 -4.74 1.13
CA SER C 361 25.03 -6.06 0.53
C SER C 361 23.86 -6.91 1.00
N ASN C 362 23.33 -7.77 0.13
CA ASN C 362 22.21 -8.63 0.52
C ASN C 362 22.65 -10.02 0.95
N SER C 363 23.92 -10.33 0.77
CA SER C 363 24.46 -11.62 1.24
C SER C 363 25.18 -11.43 2.57
#